data_7KTW
#
_entry.id   7KTW
#
_cell.length_a   1.00
_cell.length_b   1.00
_cell.length_c   1.00
_cell.angle_alpha   90.00
_cell.angle_beta   90.00
_cell.angle_gamma   90.00
#
_symmetry.space_group_name_H-M   'P 1'
#
_entity_poly.entity_id   1
_entity_poly.type   'polypeptide(L)'
_entity_poly.pdbx_seq_one_letter_code
;MPVFHTRTIESILEPVAQQISHLVIMHEEGEVDGKAIPDLTAPVAAVQAAVSNLVRVGKETVQTTEDQILKRDMPPAFIK
VENACTKLVQAAQMLQSDPYSVPARDYLIDGSRGILSGTSDLLLTFDEAEVRKIIRVCKGILEYLTVAEVVETMEDLVTY
TKNLGPGMTKMAKMIDERQQELTHQEHRVMLVNSMNTVKELLPVLISAMKIFVTTKNSKNQGIEEALKNRNFTVEKMSAE
INEIIRVLQLTSWDEDAWASKDTEAMKRALASIDSKLNQAKGWLRDPSASPGDAGEQAIRQILDEAGKVGELCAGKERRE
ILGTCKMLGQMTDQVADLRARGQGSSPVAMQKAQQVSQGLDVLTAKVENAARKLEAMTNSKQSIAKKIDAAQNWLADPNG
GPEGEEQIRGALAEARKIAELCDDPKERDDILRSLGEISALTSKLADLRRQGKGDSPEARALAKQVATALQNLQTKTNRA
VANSRPAKAAVHLEGKIEQAQRWIDNPTVDDRGVGQAAIRGLVAEGHRLANVMMGPYRQDLLAKCDRVDQLTAQLADLAA
RGEGESPQARALASQLQDSLKDLKARMQEAMTQEVSDVFSDTTTPIKLLAVAATAPPDAPNREEVFDERAANFENHSGKL
GATAEKAAAVGTANKSTVEGIQASVKTARELTPQVVSAARILLRNPGNQAAYEHFETMKNQWIDNVEKMTGLVDEAIDTK
SLLDASEEAIKKDLDKCKVAMANIQPQMLVAGATSIARRANRILLVAKREVENSEDPKFREAVKAASDELSKTISPMVMD
AKAVAGNISDPGLQKSFLDSGYRILGAVAKVREAFQPQEPDFPPPPPDLEQLRLTDELAPPKPPLPEGEVPPPRPPPPEE
KDEEFPEQKAGEVINQPMMMAARQLHDEARKWSSKPGIPAAEVGIGVVAEADAADAAGFPVPPDMEDDYEPELLLMPSNQ
PVNQPILAAAQSLHREATKWSSKGNDIIAAAKRMALLMAEMSRLVRGGSGTKRALIQCAKDIAKASDEVTRLAKEVAKQC
TDKRIRTNLLQVCERIPTISTQLKILSTVKATMLGRTNISDEESEQATEMLVHNAQNLMQSVKETVREAEAASIKIRTDA
GFTLRWVRKTPWYQHHHHHHHH
;
_entity_poly.pdbx_strand_id   A
#
# COMPACT_ATOMS: atom_id res chain seq x y z
N MET A 1 21.43 -7.36 14.87
CA MET A 1 20.40 -6.80 14.00
C MET A 1 20.92 -5.61 13.22
N PRO A 2 21.76 -5.86 12.18
CA PRO A 2 22.37 -4.75 11.45
C PRO A 2 21.36 -3.99 10.61
N VAL A 3 21.08 -2.76 11.01
CA VAL A 3 19.95 -2.02 10.52
C VAL A 3 20.44 -1.12 9.40
N PHE A 4 19.52 -0.58 8.61
CA PHE A 4 19.86 0.29 7.49
C PHE A 4 18.98 1.53 7.54
N HIS A 5 18.84 2.07 8.74
CA HIS A 5 17.91 3.14 9.04
C HIS A 5 18.29 4.49 8.45
N THR A 6 19.59 4.77 8.26
CA THR A 6 20.02 6.10 7.86
C THR A 6 21.19 5.96 6.89
N ARG A 7 21.32 6.90 5.95
CA ARG A 7 22.41 6.94 4.98
C ARG A 7 23.78 6.94 5.63
N THR A 8 23.88 7.59 6.80
CA THR A 8 25.16 7.67 7.50
C THR A 8 25.61 6.31 8.00
N ILE A 9 24.66 5.39 8.21
CA ILE A 9 25.01 4.08 8.73
C ILE A 9 25.67 3.26 7.65
N GLU A 10 25.10 3.27 6.45
CA GLU A 10 25.62 2.47 5.36
C GLU A 10 26.94 3.05 4.84
N SER A 11 27.11 4.36 5.02
CA SER A 11 28.36 5.01 4.65
C SER A 11 29.51 4.63 5.57
N ILE A 12 29.20 4.04 6.72
CA ILE A 12 30.22 3.63 7.67
C ILE A 12 30.37 2.12 7.72
N LEU A 13 29.26 1.40 7.67
CA LEU A 13 29.32 -0.04 7.82
C LEU A 13 29.88 -0.72 6.58
N GLU A 14 29.49 -0.27 5.39
CA GLU A 14 30.05 -0.81 4.16
C GLU A 14 31.57 -0.64 4.07
N PRO A 15 32.20 0.44 4.56
CA PRO A 15 33.64 0.37 4.87
C PRO A 15 34.01 -0.75 5.83
N VAL A 16 33.31 -0.84 6.96
CA VAL A 16 33.59 -1.86 7.95
C VAL A 16 33.26 -3.25 7.41
N ALA A 17 32.29 -3.31 6.49
CA ALA A 17 31.98 -4.56 5.80
C ALA A 17 33.16 -5.05 4.98
N GLN A 18 33.89 -4.12 4.36
CA GLN A 18 35.12 -4.51 3.70
C GLN A 18 36.17 -4.89 4.73
N GLN A 19 36.14 -4.25 5.90
CA GLN A 19 37.18 -4.45 6.89
C GLN A 19 37.05 -5.80 7.59
N ILE A 20 35.82 -6.19 7.93
CA ILE A 20 35.71 -7.40 8.72
C ILE A 20 35.72 -8.60 7.80
N SER A 21 35.32 -8.41 6.54
CA SER A 21 35.52 -9.43 5.53
C SER A 21 37.00 -9.63 5.26
N HIS A 22 37.80 -8.58 5.47
CA HIS A 22 39.24 -8.74 5.36
C HIS A 22 39.81 -9.66 6.44
N LEU A 23 39.10 -9.89 7.54
CA LEU A 23 39.65 -10.70 8.62
C LEU A 23 38.88 -11.97 8.91
N VAL A 24 37.56 -11.98 8.76
CA VAL A 24 36.79 -13.18 9.05
C VAL A 24 37.06 -14.26 8.00
N ILE A 25 37.26 -13.85 6.75
CA ILE A 25 37.65 -14.77 5.67
C ILE A 25 39.00 -15.43 6.01
N MET A 26 39.85 -14.72 6.75
CA MET A 26 41.06 -15.35 7.26
C MET A 26 40.78 -16.27 8.43
N HIS A 27 39.73 -15.98 9.21
CA HIS A 27 39.41 -16.81 10.37
C HIS A 27 38.92 -18.20 9.97
N GLU A 28 38.39 -18.32 8.75
CA GLU A 28 38.08 -19.59 8.11
C GLU A 28 39.22 -20.58 8.19
N GLU A 29 40.39 -20.18 7.70
CA GLU A 29 41.49 -21.12 7.55
C GLU A 29 42.20 -21.32 8.88
N GLY A 30 41.91 -20.48 9.87
CA GLY A 30 42.21 -20.87 11.23
C GLY A 30 41.38 -22.06 11.65
N GLU A 31 40.09 -22.04 11.31
CA GLU A 31 39.21 -23.14 11.64
C GLU A 31 39.42 -24.31 10.69
N VAL A 32 39.17 -24.07 9.39
CA VAL A 32 39.06 -25.17 8.45
C VAL A 32 40.42 -25.74 8.12
N ASP A 33 41.48 -24.98 8.32
CA ASP A 33 42.82 -25.44 8.00
C ASP A 33 43.71 -25.42 9.23
N GLY A 34 43.70 -24.35 9.99
CA GLY A 34 44.71 -24.19 11.02
C GLY A 34 46.07 -23.91 10.44
N LYS A 35 46.13 -23.22 9.30
CA LYS A 35 47.39 -23.03 8.61
C LYS A 35 48.12 -21.82 9.19
N ALA A 36 49.24 -21.47 8.57
CA ALA A 36 49.98 -20.27 8.96
C ALA A 36 49.14 -19.05 8.61
N ILE A 37 48.60 -18.42 9.65
CA ILE A 37 47.68 -17.29 9.46
C ILE A 37 48.46 -16.08 8.99
N PRO A 38 48.01 -15.39 7.95
CA PRO A 38 48.70 -14.18 7.50
C PRO A 38 48.66 -13.10 8.54
N ASP A 39 49.73 -12.31 8.60
CA ASP A 39 49.84 -11.27 9.60
C ASP A 39 48.88 -10.15 9.26
N LEU A 40 47.70 -10.20 9.89
CA LEU A 40 46.77 -9.10 9.85
C LEU A 40 46.89 -8.22 11.07
N THR A 41 48.12 -8.02 11.54
CA THR A 41 48.39 -7.07 12.63
C THR A 41 47.94 -5.68 12.24
N ALA A 42 48.15 -5.31 10.98
CA ALA A 42 47.82 -3.96 10.53
C ALA A 42 46.32 -3.65 10.47
N PRO A 43 45.41 -4.56 10.05
CA PRO A 43 43.98 -4.22 10.17
C PRO A 43 43.48 -3.97 11.57
N VAL A 44 44.08 -4.59 12.59
CA VAL A 44 43.58 -4.60 13.96
C VAL A 44 43.38 -3.20 14.53
N ALA A 45 44.44 -2.40 14.54
CA ALA A 45 44.27 -1.01 14.94
C ALA A 45 43.52 -0.23 13.89
N ALA A 46 43.64 -0.64 12.61
CA ALA A 46 42.99 0.10 11.54
C ALA A 46 41.48 -0.10 11.58
N VAL A 47 41.04 -1.32 11.89
CA VAL A 47 39.60 -1.48 12.07
C VAL A 47 39.19 -0.87 13.39
N GLN A 48 40.10 -0.84 14.36
CA GLN A 48 39.85 -0.09 15.59
C GLN A 48 39.77 1.39 15.28
N ALA A 49 40.56 1.85 14.32
CA ALA A 49 40.50 3.24 13.89
C ALA A 49 39.17 3.57 13.25
N ALA A 50 38.55 2.57 12.59
CA ALA A 50 37.21 2.77 12.10
C ALA A 50 36.19 2.75 13.22
N VAL A 51 36.59 2.35 14.42
CA VAL A 51 35.69 2.20 15.54
C VAL A 51 35.95 3.26 16.61
N SER A 52 37.22 3.55 16.88
CA SER A 52 37.61 4.42 17.99
C SER A 52 37.09 5.82 17.81
N ASN A 53 37.09 6.30 16.57
CA ASN A 53 36.44 7.54 16.20
C ASN A 53 34.97 7.52 16.59
N LEU A 54 34.30 6.40 16.35
CA LEU A 54 32.91 6.28 16.72
C LEU A 54 32.79 6.08 18.22
N VAL A 55 33.78 5.39 18.80
CA VAL A 55 33.83 5.21 20.24
C VAL A 55 34.01 6.54 20.93
N ARG A 56 34.96 7.34 20.45
CA ARG A 56 35.24 8.62 21.12
C ARG A 56 34.07 9.57 20.95
N VAL A 57 33.45 9.60 19.77
CA VAL A 57 32.23 10.36 19.58
C VAL A 57 31.11 9.77 20.43
N GLY A 58 31.06 8.44 20.50
CA GLY A 58 30.15 7.78 21.42
C GLY A 58 30.42 8.16 22.86
N LYS A 59 31.69 8.32 23.21
CA LYS A 59 31.98 8.90 24.51
C LYS A 59 31.70 10.40 24.51
N GLU A 60 32.01 11.08 23.41
CA GLU A 60 31.76 12.52 23.34
C GLU A 60 30.28 12.82 23.43
N THR A 61 29.45 11.98 22.82
CA THR A 61 28.01 12.16 22.98
C THR A 61 27.58 11.93 24.41
N VAL A 62 28.21 10.97 25.10
CA VAL A 62 28.01 10.85 26.54
C VAL A 62 28.58 12.09 27.23
N GLN A 63 29.72 12.56 26.75
CA GLN A 63 30.32 13.76 27.30
C GLN A 63 29.58 15.04 26.91
N THR A 64 28.67 15.01 25.93
CA THR A 64 27.97 16.21 25.54
C THR A 64 26.46 16.13 25.70
N THR A 65 25.82 15.09 25.18
CA THR A 65 24.36 14.99 25.26
C THR A 65 23.99 14.68 26.69
N GLU A 66 23.45 15.67 27.40
CA GLU A 66 23.29 15.58 28.84
C GLU A 66 21.93 15.05 29.27
N ASP A 67 20.97 14.97 28.37
CA ASP A 67 19.68 14.41 28.75
C ASP A 67 19.81 12.90 28.87
N GLN A 68 19.29 12.34 29.96
CA GLN A 68 19.60 10.98 30.40
C GLN A 68 18.99 9.87 29.55
N ILE A 69 18.20 10.24 28.54
CA ILE A 69 17.47 9.24 27.75
C ILE A 69 18.45 8.42 26.91
N LEU A 70 19.28 9.11 26.13
CA LEU A 70 20.34 8.42 25.40
C LEU A 70 21.41 7.92 26.34
N LYS A 71 21.54 8.53 27.52
CA LYS A 71 22.50 8.07 28.53
C LYS A 71 22.13 6.74 29.17
N ARG A 72 20.96 6.19 28.86
CA ARG A 72 20.59 4.94 29.50
C ARG A 72 20.93 3.73 28.65
N ASP A 73 20.92 3.86 27.33
CA ASP A 73 21.16 2.73 26.45
C ASP A 73 22.47 2.84 25.70
N MET A 74 22.85 4.02 25.26
CA MET A 74 24.09 4.18 24.52
C MET A 74 25.34 3.94 25.36
N PRO A 75 25.47 4.39 26.62
CA PRO A 75 26.66 4.01 27.39
C PRO A 75 26.76 2.51 27.65
N PRO A 76 25.67 1.76 27.88
CA PRO A 76 25.83 0.30 27.81
C PRO A 76 26.16 -0.20 26.43
N ALA A 77 25.78 0.53 25.38
CA ALA A 77 25.95 0.02 24.03
C ALA A 77 27.42 -0.03 23.64
N PHE A 78 28.15 1.07 23.81
CA PHE A 78 29.54 0.98 23.35
C PHE A 78 30.44 0.27 24.33
N ILE A 79 29.94 -0.11 25.50
CA ILE A 79 30.65 -1.05 26.37
C ILE A 79 30.98 -2.32 25.60
N LYS A 80 30.00 -2.83 24.84
CA LYS A 80 30.18 -4.01 24.02
C LYS A 80 31.26 -3.82 22.98
N VAL A 81 31.25 -2.68 22.30
CA VAL A 81 32.30 -2.49 21.32
C VAL A 81 33.59 -2.12 22.02
N GLU A 82 33.52 -1.56 23.22
CA GLU A 82 34.73 -1.43 23.99
C GLU A 82 35.15 -2.77 24.57
N ASN A 83 34.19 -3.66 24.85
CA ASN A 83 34.56 -5.04 25.08
C ASN A 83 35.16 -5.65 23.83
N ALA A 84 34.66 -5.26 22.66
CA ALA A 84 35.34 -5.66 21.44
C ALA A 84 36.70 -4.99 21.35
N CYS A 85 36.78 -3.73 21.78
CA CYS A 85 38.05 -3.00 21.77
C CYS A 85 39.09 -3.66 22.68
N THR A 86 38.63 -4.34 23.71
CA THR A 86 39.57 -5.07 24.57
C THR A 86 40.17 -6.26 23.84
N LYS A 87 39.33 -7.03 23.17
CA LYS A 87 39.76 -8.38 22.83
C LYS A 87 40.51 -8.44 21.51
N LEU A 88 40.13 -7.61 20.54
CA LEU A 88 40.70 -7.73 19.20
C LEU A 88 42.17 -7.36 19.17
N VAL A 89 42.57 -6.38 19.98
CA VAL A 89 43.98 -6.08 20.10
C VAL A 89 44.68 -7.18 20.90
N GLN A 90 43.97 -7.79 21.85
CA GLN A 90 44.53 -8.97 22.49
C GLN A 90 44.51 -10.14 21.52
N ALA A 91 43.50 -10.17 20.64
CA ALA A 91 43.48 -11.18 19.58
C ALA A 91 44.64 -10.97 18.62
N ALA A 92 45.06 -9.71 18.44
CA ALA A 92 46.25 -9.44 17.65
C ALA A 92 47.49 -10.03 18.32
N GLN A 93 47.75 -9.64 19.55
CA GLN A 93 49.04 -9.95 20.16
C GLN A 93 49.12 -11.40 20.59
N MET A 94 47.98 -12.06 20.79
CA MET A 94 48.03 -13.50 20.97
C MET A 94 48.28 -14.20 19.66
N LEU A 95 47.82 -13.62 18.54
CA LEU A 95 48.22 -14.16 17.26
C LEU A 95 49.67 -13.80 16.92
N GLN A 96 50.14 -12.68 17.44
CA GLN A 96 51.57 -12.36 17.40
C GLN A 96 52.34 -13.42 18.15
N SER A 97 51.76 -13.87 19.26
CA SER A 97 52.36 -14.96 20.01
C SER A 97 52.26 -16.27 19.25
N ASP A 98 51.06 -16.61 18.79
CA ASP A 98 50.80 -17.92 18.22
C ASP A 98 50.01 -17.79 16.92
N PRO A 99 50.56 -18.26 15.80
CA PRO A 99 49.74 -18.32 14.57
C PRO A 99 48.70 -19.43 14.60
N TYR A 100 48.69 -20.26 15.63
CA TYR A 100 47.88 -21.48 15.63
C TYR A 100 47.06 -21.62 16.90
N SER A 101 46.84 -20.52 17.63
CA SER A 101 46.16 -20.58 18.91
C SER A 101 44.68 -20.81 18.72
N VAL A 102 44.21 -21.99 19.12
CA VAL A 102 42.78 -22.20 19.29
C VAL A 102 42.17 -21.20 20.27
N PRO A 103 42.83 -20.84 21.43
CA PRO A 103 42.30 -19.72 22.20
C PRO A 103 42.46 -18.34 21.56
N ALA A 104 42.94 -18.25 20.33
CA ALA A 104 42.81 -17.00 19.60
C ALA A 104 41.76 -17.07 18.50
N ARG A 105 41.56 -18.26 17.94
CA ARG A 105 40.57 -18.49 16.88
C ARG A 105 39.17 -18.08 17.31
N ASP A 106 38.72 -18.64 18.44
CA ASP A 106 37.47 -18.22 19.05
C ASP A 106 37.52 -16.75 19.47
N TYR A 107 38.69 -16.30 19.88
CA TYR A 107 38.81 -15.04 20.59
C TYR A 107 38.64 -13.87 19.62
N LEU A 108 39.14 -14.02 18.41
CA LEU A 108 39.02 -12.94 17.44
C LEU A 108 37.63 -12.90 16.83
N ILE A 109 37.02 -14.06 16.62
CA ILE A 109 35.81 -14.11 15.82
C ILE A 109 34.61 -13.72 16.68
N ASP A 110 34.75 -13.80 18.01
CA ASP A 110 33.72 -13.30 18.90
C ASP A 110 33.66 -11.78 18.82
N GLY A 111 34.81 -11.15 18.65
CA GLY A 111 34.83 -9.70 18.54
C GLY A 111 34.29 -9.22 17.21
N SER A 112 34.51 -10.01 16.15
CA SER A 112 34.22 -9.58 14.79
C SER A 112 32.74 -9.35 14.58
N ARG A 113 31.91 -10.19 15.21
CA ARG A 113 30.48 -9.90 15.21
C ARG A 113 30.15 -8.78 16.17
N GLY A 114 30.86 -8.71 17.31
CA GLY A 114 30.63 -7.64 18.26
C GLY A 114 30.97 -6.29 17.69
N ILE A 115 31.89 -6.26 16.72
CA ILE A 115 32.07 -5.13 15.84
C ILE A 115 30.78 -4.88 15.08
N LEU A 116 30.40 -5.85 14.26
CA LEU A 116 29.39 -5.61 13.25
C LEU A 116 28.03 -5.45 13.87
N SER A 117 27.82 -6.04 15.04
CA SER A 117 26.71 -5.63 15.86
C SER A 117 26.96 -4.22 16.33
N GLY A 118 28.05 -4.04 17.10
CA GLY A 118 28.24 -2.83 17.88
C GLY A 118 28.42 -1.58 17.05
N THR A 119 29.05 -1.73 15.88
CA THR A 119 29.14 -0.64 14.92
C THR A 119 27.76 -0.26 14.43
N SER A 120 27.03 -1.25 13.95
CA SER A 120 25.65 -1.04 13.55
C SER A 120 24.78 -0.62 14.72
N ASP A 121 25.10 -1.13 15.92
CA ASP A 121 24.33 -0.77 17.11
C ASP A 121 24.49 0.70 17.42
N LEU A 122 25.68 1.24 17.22
CA LEU A 122 25.91 2.61 17.65
C LEU A 122 25.30 3.59 16.67
N LEU A 123 25.32 3.25 15.39
CA LEU A 123 24.90 4.21 14.37
C LEU A 123 23.39 4.41 14.38
N LEU A 124 22.65 3.35 14.69
CA LEU A 124 21.23 3.55 14.97
C LEU A 124 21.07 4.29 16.28
N THR A 125 21.98 4.07 17.22
CA THR A 125 21.86 4.69 18.52
C THR A 125 22.15 6.18 18.44
N PHE A 126 22.95 6.57 17.45
CA PHE A 126 23.03 7.99 17.09
C PHE A 126 21.68 8.48 16.56
N ASP A 127 21.00 7.66 15.78
CA ASP A 127 19.78 8.12 15.13
C ASP A 127 18.61 8.22 16.08
N GLU A 128 18.74 7.64 17.27
CA GLU A 128 17.73 7.65 18.31
C GLU A 128 17.36 9.07 18.74
N ALA A 129 18.34 9.81 19.23
CA ALA A 129 18.07 11.17 19.67
C ALA A 129 17.91 12.11 18.47
N GLU A 130 18.42 11.70 17.31
CA GLU A 130 18.28 12.45 16.07
C GLU A 130 16.82 12.68 15.74
N VAL A 131 16.01 11.63 15.88
CA VAL A 131 14.62 11.72 15.46
C VAL A 131 13.70 12.03 16.62
N ARG A 132 14.14 11.88 17.87
CA ARG A 132 13.23 12.11 18.99
C ARG A 132 12.97 13.58 19.22
N LYS A 133 13.87 14.45 18.75
CA LYS A 133 13.54 15.86 18.72
C LYS A 133 12.41 16.11 17.74
N ILE A 134 12.40 15.37 16.63
CA ILE A 134 11.39 15.54 15.59
C ILE A 134 10.04 15.06 16.09
N ILE A 135 10.05 14.09 17.01
CA ILE A 135 8.81 13.58 17.60
C ILE A 135 8.11 14.66 18.38
N ARG A 136 8.87 15.40 19.19
CA ARG A 136 8.32 16.54 19.92
C ARG A 136 7.87 17.63 18.97
N VAL A 137 8.57 17.78 17.85
CA VAL A 137 8.13 18.69 16.80
C VAL A 137 6.84 18.20 16.20
N CYS A 138 6.78 16.89 15.89
CA CYS A 138 5.51 16.27 15.52
C CYS A 138 4.49 16.38 16.63
N LYS A 139 4.92 16.22 17.88
CA LYS A 139 4.02 16.45 19.01
C LYS A 139 3.63 17.92 19.07
N GLY A 140 4.59 18.80 18.79
CA GLY A 140 4.29 20.22 18.75
C GLY A 140 3.33 20.57 17.62
N ILE A 141 3.40 19.82 16.52
CA ILE A 141 2.35 19.90 15.51
C ILE A 141 1.04 19.46 16.12
N LEU A 142 1.05 18.31 16.80
CA LEU A 142 -0.13 17.81 17.47
C LEU A 142 -0.55 18.70 18.62
N GLU A 143 0.41 19.42 19.23
CA GLU A 143 0.06 20.44 20.22
C GLU A 143 -0.84 21.49 19.61
N TYR A 144 -0.47 21.99 18.43
CA TYR A 144 -1.32 22.95 17.73
C TYR A 144 -2.62 22.28 17.28
N LEU A 145 -2.58 20.99 17.02
CA LEU A 145 -3.80 20.27 16.69
C LEU A 145 -4.70 20.15 17.90
N THR A 146 -4.11 20.17 19.10
CA THR A 146 -4.94 20.34 20.29
C THR A 146 -5.35 21.80 20.45
N VAL A 147 -4.55 22.72 19.94
CA VAL A 147 -4.95 24.12 19.95
C VAL A 147 -5.91 24.38 18.79
N ALA A 148 -6.03 23.43 17.86
CA ALA A 148 -6.93 23.58 16.71
C ALA A 148 -8.41 23.63 17.10
N GLU A 149 -8.73 23.32 18.34
CA GLU A 149 -10.05 23.63 18.88
C GLU A 149 -10.03 24.84 19.79
N VAL A 150 -8.85 25.22 20.29
CA VAL A 150 -8.73 26.26 21.31
C VAL A 150 -9.11 27.63 20.76
N VAL A 151 -8.95 27.83 19.44
CA VAL A 151 -9.25 29.13 18.83
C VAL A 151 -10.74 29.41 18.88
N GLU A 152 -11.09 30.53 19.55
CA GLU A 152 -12.47 30.94 19.72
C GLU A 152 -12.73 32.36 19.24
N THR A 153 -11.70 33.06 18.78
CA THR A 153 -11.85 34.44 18.31
C THR A 153 -11.06 34.57 17.01
N MET A 154 -11.44 35.55 16.20
CA MET A 154 -10.73 35.83 14.94
C MET A 154 -9.30 36.28 15.21
N GLU A 155 -9.09 36.96 16.34
CA GLU A 155 -7.73 37.31 16.72
C GLU A 155 -6.92 36.08 17.08
N ASP A 156 -7.60 35.04 17.58
CA ASP A 156 -6.90 33.84 18.04
C ASP A 156 -6.33 33.07 16.87
N LEU A 157 -7.07 32.99 15.77
CA LEU A 157 -6.60 32.25 14.60
C LEU A 157 -5.44 32.94 13.93
N VAL A 158 -5.39 34.27 14.01
CA VAL A 158 -4.26 35.01 13.48
C VAL A 158 -3.01 34.70 14.30
N THR A 159 -3.16 34.66 15.62
CA THR A 159 -2.08 34.21 16.48
C THR A 159 -1.79 32.73 16.25
N TYR A 160 -2.83 31.96 15.98
CA TYR A 160 -2.66 30.55 15.66
C TYR A 160 -1.96 30.38 14.33
N THR A 161 -2.28 31.25 13.37
CA THR A 161 -1.51 31.31 12.14
C THR A 161 -0.07 31.70 12.44
N LYS A 162 0.10 32.64 13.36
CA LYS A 162 1.43 32.99 13.82
C LYS A 162 2.00 31.91 14.74
N ASN A 163 1.18 30.98 15.20
CA ASN A 163 1.75 29.82 15.87
C ASN A 163 2.24 28.79 14.86
N LEU A 164 1.36 28.35 13.97
CA LEU A 164 1.68 27.24 13.07
C LEU A 164 2.76 27.61 12.08
N GLY A 165 2.82 28.90 11.71
CA GLY A 165 3.75 29.43 10.75
C GLY A 165 5.19 29.06 11.00
N PRO A 166 5.75 29.48 12.13
CA PRO A 166 7.08 28.99 12.50
C PRO A 166 7.11 27.50 12.76
N GLY A 167 6.00 26.92 13.21
CA GLY A 167 5.97 25.49 13.45
C GLY A 167 6.08 24.69 12.18
N MET A 168 5.30 25.07 11.17
CA MET A 168 5.25 24.30 9.93
C MET A 168 6.54 24.47 9.12
N THR A 169 7.13 25.66 9.18
CA THR A 169 8.41 25.86 8.52
C THR A 169 9.51 25.10 9.22
N LYS A 170 9.46 25.05 10.55
CA LYS A 170 10.40 24.23 11.29
C LYS A 170 10.19 22.76 10.99
N MET A 171 8.94 22.39 10.76
CA MET A 171 8.55 21.01 10.48
C MET A 171 9.18 20.49 9.21
N ALA A 172 8.80 21.08 8.08
CA ALA A 172 9.00 20.47 6.77
C ALA A 172 10.48 20.43 6.40
N LYS A 173 11.25 21.36 6.92
CA LYS A 173 12.66 21.40 6.57
C LYS A 173 13.41 20.24 7.21
N MET A 174 13.02 19.86 8.42
CA MET A 174 13.61 18.71 9.07
C MET A 174 13.19 17.44 8.36
N ILE A 175 11.99 17.46 7.80
CA ILE A 175 11.47 16.33 7.04
C ILE A 175 12.26 16.15 5.76
N ASP A 176 12.68 17.27 5.17
CA ASP A 176 13.54 17.21 3.99
C ASP A 176 14.90 16.65 4.35
N GLU A 177 15.34 16.87 5.60
CA GLU A 177 16.63 16.36 6.02
C GLU A 177 16.61 14.84 6.11
N ARG A 178 15.58 14.29 6.75
CA ARG A 178 15.50 12.83 6.86
C ARG A 178 15.18 12.21 5.53
N GLN A 179 14.51 12.95 4.64
CA GLN A 179 14.38 12.55 3.26
C GLN A 179 15.73 12.32 2.63
N GLN A 180 16.66 13.24 2.87
CA GLN A 180 18.03 13.04 2.43
C GLN A 180 18.68 11.90 3.20
N GLU A 181 18.33 11.77 4.47
CA GLU A 181 19.00 10.79 5.32
C GLU A 181 18.43 9.39 5.18
N LEU A 182 17.37 9.20 4.40
CA LEU A 182 16.80 7.87 4.25
C LEU A 182 17.19 7.26 2.91
N THR A 183 16.91 5.96 2.79
CA THR A 183 17.28 5.22 1.60
C THR A 183 16.20 4.27 1.09
N HIS A 184 15.07 4.15 1.79
CA HIS A 184 13.93 3.38 1.29
C HIS A 184 13.03 4.34 0.53
N GLN A 185 13.17 4.33 -0.80
CA GLN A 185 12.45 5.29 -1.63
C GLN A 185 10.96 5.07 -1.55
N GLU A 186 10.55 3.81 -1.42
CA GLU A 186 9.14 3.51 -1.22
C GLU A 186 8.67 4.01 0.14
N HIS A 187 9.58 4.16 1.09
CA HIS A 187 9.20 4.68 2.38
C HIS A 187 9.55 6.16 2.48
N ARG A 188 10.48 6.61 1.63
CA ARG A 188 10.68 8.03 1.44
C ARG A 188 9.43 8.67 0.85
N VAL A 189 8.81 7.98 -0.10
CA VAL A 189 7.55 8.40 -0.71
C VAL A 189 6.46 8.52 0.34
N MET A 190 6.47 7.61 1.32
CA MET A 190 5.52 7.66 2.43
C MET A 190 5.65 8.96 3.21
N LEU A 191 6.87 9.43 3.38
CA LEU A 191 7.10 10.59 4.24
C LEU A 191 6.67 11.87 3.55
N VAL A 192 7.05 12.04 2.27
CA VAL A 192 6.79 13.30 1.60
C VAL A 192 5.31 13.44 1.26
N ASN A 193 4.68 12.35 0.82
CA ASN A 193 3.29 12.41 0.43
C ASN A 193 2.35 12.43 1.62
N SER A 194 2.88 12.30 2.82
CA SER A 194 2.19 12.73 4.03
C SER A 194 2.40 14.22 4.25
N MET A 195 3.62 14.69 3.98
CA MET A 195 4.02 16.00 4.44
C MET A 195 3.43 17.09 3.57
N ASN A 196 3.24 16.82 2.30
CA ASN A 196 2.62 17.80 1.41
C ASN A 196 1.18 18.05 1.78
N THR A 197 0.48 17.01 2.26
CA THR A 197 -0.92 17.13 2.62
C THR A 197 -1.10 18.01 3.84
N VAL A 198 -0.27 17.80 4.86
CA VAL A 198 -0.44 18.52 6.11
C VAL A 198 -0.03 19.98 5.92
N LYS A 199 0.78 20.26 4.92
CA LYS A 199 0.95 21.64 4.50
C LYS A 199 -0.27 22.10 3.71
N GLU A 200 -0.84 21.22 2.89
CA GLU A 200 -1.89 21.65 1.99
C GLU A 200 -3.23 21.84 2.71
N LEU A 201 -3.54 20.98 3.67
CA LEU A 201 -4.81 21.14 4.36
C LEU A 201 -4.70 22.22 5.43
N LEU A 202 -3.49 22.70 5.69
CA LEU A 202 -3.22 23.73 6.67
C LEU A 202 -3.93 25.06 6.37
N PRO A 203 -3.87 25.66 5.16
CA PRO A 203 -4.66 26.88 4.98
C PRO A 203 -6.13 26.58 4.87
N VAL A 204 -6.44 25.37 4.43
CA VAL A 204 -7.81 24.90 4.38
C VAL A 204 -8.38 24.88 5.79
N LEU A 205 -7.59 24.38 6.73
CA LEU A 205 -7.90 24.53 8.14
C LEU A 205 -8.05 25.98 8.52
N ILE A 206 -7.10 26.81 8.10
CA ILE A 206 -7.15 28.22 8.43
C ILE A 206 -8.35 28.88 7.78
N SER A 207 -8.68 28.46 6.56
CA SER A 207 -9.92 28.94 5.95
C SER A 207 -11.13 28.44 6.72
N ALA A 208 -11.05 27.22 7.24
CA ALA A 208 -12.12 26.73 8.09
C ALA A 208 -12.16 27.50 9.40
N MET A 209 -11.00 27.96 9.87
CA MET A 209 -10.99 28.84 11.04
C MET A 209 -11.64 30.17 10.71
N LYS A 210 -11.37 30.67 9.49
CA LYS A 210 -11.97 31.92 9.03
C LYS A 210 -13.49 31.81 9.02
N ILE A 211 -14.00 30.72 8.46
CA ILE A 211 -15.43 30.60 8.28
C ILE A 211 -16.11 30.28 9.59
N PHE A 212 -15.36 29.73 10.55
CA PHE A 212 -15.97 29.30 11.80
C PHE A 212 -16.38 30.50 12.63
N VAL A 213 -15.48 31.47 12.77
CA VAL A 213 -15.72 32.62 13.63
C VAL A 213 -16.76 33.54 13.01
N THR A 214 -16.88 33.53 11.68
CA THR A 214 -17.98 34.24 11.03
C THR A 214 -19.30 33.57 11.36
N THR A 215 -19.31 32.24 11.36
CA THR A 215 -20.50 31.53 11.78
C THR A 215 -20.66 31.58 13.29
N LYS A 216 -19.55 31.84 14.01
CA LYS A 216 -19.70 32.09 15.44
C LYS A 216 -20.44 33.39 15.71
N ASN A 217 -20.41 34.33 14.76
CA ASN A 217 -21.21 35.53 14.90
C ASN A 217 -22.69 35.20 14.72
N SER A 218 -23.03 34.60 13.58
CA SER A 218 -24.44 34.38 13.25
C SER A 218 -24.81 32.91 13.18
N LYS A 219 -24.16 32.12 12.33
CA LYS A 219 -24.67 30.79 12.00
C LYS A 219 -24.09 29.73 12.94
N ASN A 220 -24.58 29.77 14.17
CA ASN A 220 -24.17 28.82 15.20
C ASN A 220 -24.88 27.48 15.02
N GLN A 221 -25.79 27.39 14.04
CA GLN A 221 -26.17 26.10 13.49
C GLN A 221 -25.07 25.54 12.60
N GLY A 222 -24.28 26.41 11.99
CA GLY A 222 -23.24 25.94 11.10
C GLY A 222 -21.97 25.57 11.82
N ILE A 223 -21.78 26.08 13.04
CA ILE A 223 -20.54 25.84 13.79
C ILE A 223 -20.50 24.39 14.26
N GLU A 224 -21.66 23.73 14.23
CA GLU A 224 -21.72 22.28 14.32
C GLU A 224 -20.99 21.66 13.15
N GLU A 225 -21.50 21.89 11.93
CA GLU A 225 -20.90 21.27 10.76
C GLU A 225 -19.57 21.90 10.40
N ALA A 226 -19.34 23.15 10.78
CA ALA A 226 -18.04 23.75 10.52
C ALA A 226 -16.98 23.15 11.42
N LEU A 227 -17.34 22.80 12.65
CA LEU A 227 -16.46 21.96 13.44
C LEU A 227 -16.29 20.60 12.79
N LYS A 228 -17.37 20.02 12.29
CA LYS A 228 -17.30 18.77 11.54
C LYS A 228 -16.46 18.95 10.28
N ASN A 229 -16.53 20.14 9.68
CA ASN A 229 -15.56 20.48 8.65
C ASN A 229 -14.16 20.57 9.25
N ARG A 230 -14.05 21.21 10.41
CA ARG A 230 -12.74 21.45 11.01
C ARG A 230 -12.13 20.18 11.59
N ASN A 231 -12.79 19.60 12.60
CA ASN A 231 -12.15 18.60 13.45
C ASN A 231 -11.82 17.34 12.69
N PHE A 232 -12.63 17.03 11.67
CA PHE A 232 -12.28 15.98 10.73
C PHE A 232 -10.98 16.31 10.02
N THR A 233 -10.90 17.51 9.44
CA THR A 233 -9.69 17.90 8.76
C THR A 233 -8.54 18.09 9.74
N VAL A 234 -8.86 18.46 10.98
CA VAL A 234 -7.87 18.40 12.05
C VAL A 234 -7.43 16.95 12.25
N GLU A 235 -8.40 16.04 12.36
CA GLU A 235 -8.06 14.62 12.47
C GLU A 235 -7.46 14.09 11.18
N LYS A 236 -7.78 14.71 10.04
CA LYS A 236 -7.19 14.27 8.80
C LYS A 236 -5.70 14.58 8.77
N MET A 237 -5.32 15.78 9.15
CA MET A 237 -3.90 16.12 9.18
C MET A 237 -3.19 15.36 10.28
N SER A 238 -3.82 15.23 11.45
CA SER A 238 -3.17 14.55 12.56
C SER A 238 -3.02 13.06 12.30
N ALA A 239 -3.82 12.52 11.37
CA ALA A 239 -3.68 11.14 10.98
C ALA A 239 -2.32 10.87 10.35
N GLU A 240 -1.89 11.74 9.43
CA GLU A 240 -0.55 11.54 8.89
C GLU A 240 0.52 11.88 9.90
N ILE A 241 0.23 12.81 10.83
CA ILE A 241 1.17 13.08 11.89
C ILE A 241 1.30 11.87 12.80
N ASN A 242 0.19 11.16 13.00
CA ASN A 242 0.28 9.85 13.62
C ASN A 242 1.01 8.87 12.72
N GLU A 243 0.85 9.01 11.41
CA GLU A 243 1.43 8.05 10.49
C GLU A 243 2.93 8.28 10.33
N ILE A 244 3.37 9.53 10.45
CA ILE A 244 4.80 9.78 10.28
C ILE A 244 5.57 9.44 11.53
N ILE A 245 4.88 9.13 12.62
CA ILE A 245 5.54 8.58 13.80
C ILE A 245 6.23 7.28 13.43
N ARG A 246 5.46 6.32 12.92
CA ARG A 246 6.04 5.03 12.56
C ARG A 246 6.92 5.13 11.33
N VAL A 247 6.71 6.15 10.50
CA VAL A 247 7.65 6.45 9.44
C VAL A 247 8.98 6.87 10.02
N LEU A 248 8.95 7.74 11.04
CA LEU A 248 10.16 8.07 11.77
C LEU A 248 10.65 6.86 12.56
N GLN A 249 9.73 6.10 13.13
CA GLN A 249 10.16 4.94 13.89
C GLN A 249 10.47 3.75 13.01
N LEU A 250 10.40 3.87 11.68
CA LEU A 250 10.68 2.75 10.80
C LEU A 250 12.18 2.49 10.87
N THR A 251 12.53 1.57 11.75
CA THR A 251 13.93 1.29 12.00
C THR A 251 14.53 0.51 10.83
N SER A 252 13.85 -0.54 10.39
CA SER A 252 14.36 -1.43 9.36
C SER A 252 13.26 -1.66 8.34
N TRP A 253 13.47 -2.67 7.50
CA TRP A 253 12.54 -3.00 6.43
C TRP A 253 11.20 -3.47 7.00
N ASP A 254 10.11 -2.91 6.47
CA ASP A 254 8.82 -3.02 7.13
C ASP A 254 8.22 -4.39 6.94
N GLU A 255 7.51 -4.85 7.96
CA GLU A 255 6.63 -6.00 7.86
C GLU A 255 5.22 -5.66 8.26
N ASP A 256 5.03 -4.56 8.99
CA ASP A 256 3.76 -4.25 9.62
C ASP A 256 2.80 -3.53 8.67
N ALA A 257 3.25 -3.21 7.46
CA ALA A 257 2.49 -2.42 6.50
C ALA A 257 1.21 -3.10 6.06
N TRP A 258 1.34 -4.25 5.39
CA TRP A 258 0.17 -4.94 4.84
C TRP A 258 -0.72 -5.48 5.95
N ALA A 259 -0.14 -5.77 7.11
CA ALA A 259 -0.96 -6.11 8.26
C ALA A 259 -1.77 -4.93 8.75
N SER A 260 -1.35 -3.71 8.43
CA SER A 260 -2.14 -2.54 8.77
C SER A 260 -2.79 -1.88 7.56
N LYS A 261 -2.20 -2.02 6.37
CA LYS A 261 -2.81 -1.44 5.18
C LYS A 261 -4.10 -2.15 4.81
N ASP A 262 -4.22 -3.41 5.18
CA ASP A 262 -5.40 -4.17 4.81
C ASP A 262 -6.50 -4.10 5.85
N THR A 263 -6.39 -3.20 6.83
CA THR A 263 -7.47 -2.96 7.76
C THR A 263 -8.56 -2.10 7.16
N GLU A 264 -8.35 -1.56 5.96
CA GLU A 264 -9.26 -0.58 5.38
C GLU A 264 -10.60 -1.19 5.01
N ALA A 265 -10.60 -2.45 4.57
CA ALA A 265 -11.80 -3.00 3.96
C ALA A 265 -12.84 -3.34 5.00
N MET A 266 -12.43 -3.55 6.25
CA MET A 266 -13.38 -3.88 7.30
C MET A 266 -14.20 -2.65 7.68
N LYS A 267 -13.53 -1.51 7.89
CA LYS A 267 -14.26 -0.26 8.08
C LYS A 267 -15.01 0.14 6.82
N ARG A 268 -14.51 -0.27 5.66
CA ARG A 268 -15.27 -0.12 4.42
C ARG A 268 -16.52 -0.97 4.44
N ALA A 269 -16.40 -2.20 4.92
CA ALA A 269 -17.52 -3.14 4.86
C ALA A 269 -18.66 -2.72 5.78
N LEU A 270 -18.32 -2.45 7.06
CA LEU A 270 -19.34 -2.28 8.10
C LEU A 270 -20.24 -1.08 7.86
N ALA A 271 -19.71 -0.04 7.23
CA ALA A 271 -20.53 1.10 6.87
C ALA A 271 -21.17 0.96 5.50
N SER A 272 -20.97 -0.16 4.82
CA SER A 272 -21.52 -0.36 3.48
C SER A 272 -22.64 -1.38 3.45
N ILE A 273 -22.51 -2.44 4.24
CA ILE A 273 -23.46 -3.55 4.19
C ILE A 273 -24.82 -3.11 4.71
N ASP A 274 -24.81 -2.21 5.69
CA ASP A 274 -26.04 -1.65 6.26
C ASP A 274 -26.85 -0.89 5.22
N SER A 275 -26.15 -0.22 4.30
CA SER A 275 -26.85 0.53 3.27
C SER A 275 -27.31 -0.38 2.13
N LYS A 276 -26.53 -1.42 1.83
CA LYS A 276 -26.95 -2.39 0.81
C LYS A 276 -27.94 -3.41 1.36
N LEU A 277 -28.29 -3.32 2.65
CA LEU A 277 -29.16 -4.32 3.26
C LEU A 277 -30.62 -4.12 2.85
N ASN A 278 -31.17 -2.94 3.17
CA ASN A 278 -32.60 -2.69 2.97
C ASN A 278 -32.94 -2.62 1.49
N GLN A 279 -32.06 -2.03 0.69
CA GLN A 279 -32.30 -1.96 -0.75
C GLN A 279 -32.15 -3.31 -1.43
N ALA A 280 -31.62 -4.32 -0.74
CA ALA A 280 -31.61 -5.67 -1.28
C ALA A 280 -32.92 -6.38 -0.94
N LYS A 281 -33.32 -6.32 0.34
CA LYS A 281 -34.39 -7.17 0.85
C LYS A 281 -35.75 -6.79 0.28
N GLY A 282 -36.13 -5.52 0.45
CA GLY A 282 -37.41 -5.07 -0.08
C GLY A 282 -37.46 -5.10 -1.59
N TRP A 283 -36.30 -4.98 -2.23
CA TRP A 283 -36.19 -5.33 -3.64
C TRP A 283 -36.57 -6.79 -3.85
N LEU A 284 -35.92 -7.69 -3.12
CA LEU A 284 -36.24 -9.10 -3.33
C LEU A 284 -37.48 -9.53 -2.57
N ARG A 285 -38.07 -8.67 -1.75
CA ARG A 285 -39.35 -9.05 -1.15
C ARG A 285 -40.47 -9.00 -2.17
N ASP A 286 -40.35 -8.15 -3.19
CA ASP A 286 -41.28 -8.19 -4.30
C ASP A 286 -40.50 -8.58 -5.55
N PRO A 287 -40.24 -9.88 -5.73
CA PRO A 287 -39.21 -10.34 -6.68
C PRO A 287 -39.51 -10.08 -8.14
N SER A 288 -40.62 -10.62 -8.63
CA SER A 288 -40.93 -10.52 -10.05
C SER A 288 -41.32 -9.09 -10.43
N ALA A 289 -41.73 -8.28 -9.45
CA ALA A 289 -41.85 -6.85 -9.63
C ALA A 289 -40.55 -6.12 -9.31
N SER A 290 -39.42 -6.79 -9.38
CA SER A 290 -38.11 -6.16 -9.20
C SER A 290 -37.21 -6.64 -10.33
N PRO A 291 -36.95 -5.82 -11.35
CA PRO A 291 -36.19 -6.28 -12.51
C PRO A 291 -34.68 -6.30 -12.30
N GLY A 292 -34.17 -5.68 -11.24
CA GLY A 292 -32.74 -5.58 -11.07
C GLY A 292 -32.21 -4.18 -11.20
N ASP A 293 -32.97 -3.20 -10.70
CA ASP A 293 -32.60 -1.79 -10.82
C ASP A 293 -31.36 -1.44 -10.01
N ALA A 294 -31.39 -1.64 -8.69
CA ALA A 294 -30.21 -1.49 -7.87
C ALA A 294 -30.09 -2.51 -6.75
N GLY A 295 -31.18 -3.22 -6.43
CA GLY A 295 -31.10 -4.26 -5.42
C GLY A 295 -30.31 -5.47 -5.89
N GLU A 296 -30.42 -5.80 -7.17
CA GLU A 296 -29.56 -6.82 -7.77
C GLU A 296 -28.10 -6.43 -7.66
N GLN A 297 -27.79 -5.18 -7.98
CA GLN A 297 -26.43 -4.70 -7.81
C GLN A 297 -26.07 -4.59 -6.33
N ALA A 298 -27.06 -4.33 -5.48
CA ALA A 298 -26.84 -4.39 -4.05
C ALA A 298 -26.53 -5.80 -3.62
N ILE A 299 -27.35 -6.76 -4.07
CA ILE A 299 -27.09 -8.18 -3.85
C ILE A 299 -25.74 -8.59 -4.42
N ARG A 300 -25.35 -7.99 -5.55
CA ARG A 300 -24.04 -8.23 -6.12
C ARG A 300 -22.93 -7.76 -5.20
N GLN A 301 -23.02 -6.51 -4.74
CA GLN A 301 -21.91 -5.94 -3.97
C GLN A 301 -21.88 -6.50 -2.55
N ILE A 302 -23.01 -7.02 -2.05
CA ILE A 302 -23.02 -7.77 -0.80
C ILE A 302 -22.10 -8.98 -0.91
N LEU A 303 -22.19 -9.71 -2.02
CA LEU A 303 -21.23 -10.76 -2.32
C LEU A 303 -19.83 -10.19 -2.48
N ASP A 304 -19.73 -8.98 -3.03
CA ASP A 304 -18.42 -8.45 -3.35
C ASP A 304 -17.73 -7.89 -2.11
N GLU A 305 -18.47 -7.17 -1.26
CA GLU A 305 -17.88 -6.63 -0.04
C GLU A 305 -17.53 -7.74 0.94
N ALA A 306 -18.36 -8.77 1.03
CA ALA A 306 -17.99 -9.93 1.83
C ALA A 306 -16.89 -10.73 1.15
N GLY A 307 -16.76 -10.58 -0.17
CA GLY A 307 -15.71 -11.28 -0.89
C GLY A 307 -14.32 -10.83 -0.49
N LYS A 308 -14.17 -9.56 -0.13
CA LYS A 308 -12.86 -9.09 0.31
C LYS A 308 -12.64 -9.41 1.78
N VAL A 309 -13.73 -9.70 2.51
CA VAL A 309 -13.57 -10.16 3.88
C VAL A 309 -12.88 -11.51 3.89
N GLY A 310 -13.25 -12.36 2.94
CA GLY A 310 -12.59 -13.65 2.80
C GLY A 310 -11.19 -13.52 2.27
N GLU A 311 -10.89 -12.42 1.57
CA GLU A 311 -9.51 -12.10 1.27
C GLU A 311 -8.73 -11.83 2.54
N LEU A 312 -9.37 -11.21 3.52
CA LEU A 312 -8.70 -10.91 4.78
C LEU A 312 -8.64 -12.14 5.67
N CYS A 313 -9.79 -12.63 6.10
CA CYS A 313 -9.86 -13.72 7.08
C CYS A 313 -9.65 -15.05 6.36
N ALA A 314 -8.89 -15.93 6.99
CA ALA A 314 -8.40 -17.12 6.29
C ALA A 314 -8.44 -18.31 7.23
N GLY A 315 -7.73 -19.36 6.84
CA GLY A 315 -7.72 -20.61 7.60
C GLY A 315 -8.82 -21.54 7.13
N LYS A 316 -9.56 -22.10 8.08
CA LYS A 316 -10.78 -22.81 7.74
C LYS A 316 -11.91 -21.83 7.50
N GLU A 317 -11.76 -20.60 8.01
CA GLU A 317 -12.80 -19.58 7.90
C GLU A 317 -13.00 -19.15 6.45
N ARG A 318 -11.93 -19.15 5.65
CA ARG A 318 -12.02 -18.64 4.28
C ARG A 318 -12.78 -19.60 3.37
N ARG A 319 -12.87 -20.87 3.74
CA ARG A 319 -13.72 -21.77 2.98
C ARG A 319 -15.18 -21.54 3.30
N GLU A 320 -15.45 -21.01 4.50
CA GLU A 320 -16.82 -20.93 4.99
C GLU A 320 -17.55 -19.74 4.36
N ILE A 321 -16.94 -18.55 4.42
CA ILE A 321 -17.62 -17.37 3.90
C ILE A 321 -17.66 -17.39 2.38
N LEU A 322 -16.61 -17.92 1.73
CA LEU A 322 -16.65 -18.15 0.29
C LEU A 322 -17.75 -19.14 -0.06
N GLY A 323 -17.97 -20.13 0.80
CA GLY A 323 -19.01 -21.10 0.54
C GLY A 323 -20.40 -20.51 0.63
N THR A 324 -20.65 -19.74 1.69
CA THR A 324 -22.02 -19.30 1.96
C THR A 324 -22.46 -18.21 0.98
N CYS A 325 -21.53 -17.46 0.40
CA CYS A 325 -21.92 -16.46 -0.58
C CYS A 325 -22.14 -17.12 -1.94
N LYS A 326 -21.29 -18.09 -2.28
CA LYS A 326 -21.52 -18.91 -3.47
C LYS A 326 -22.80 -19.72 -3.32
N MET A 327 -23.11 -20.13 -2.09
CA MET A 327 -24.42 -20.70 -1.80
C MET A 327 -25.52 -19.67 -2.00
N LEU A 328 -25.36 -18.48 -1.42
CA LEU A 328 -26.37 -17.45 -1.48
C LEU A 328 -26.61 -16.97 -2.90
N GLY A 329 -25.53 -16.78 -3.66
CA GLY A 329 -25.66 -16.26 -5.01
C GLY A 329 -26.41 -17.20 -5.93
N GLN A 330 -26.20 -18.50 -5.77
CA GLN A 330 -26.96 -19.46 -6.55
C GLN A 330 -28.39 -19.59 -6.03
N MET A 331 -28.60 -19.32 -4.74
CA MET A 331 -29.97 -19.23 -4.23
C MET A 331 -30.69 -18.03 -4.81
N THR A 332 -30.02 -16.88 -4.85
CA THR A 332 -30.62 -15.68 -5.43
C THR A 332 -30.80 -15.82 -6.92
N ASP A 333 -29.84 -16.44 -7.61
CA ASP A 333 -29.95 -16.57 -9.06
C ASP A 333 -31.04 -17.57 -9.42
N GLN A 334 -31.31 -18.53 -8.53
CA GLN A 334 -32.50 -19.37 -8.67
C GLN A 334 -33.76 -18.53 -8.58
N VAL A 335 -33.80 -17.59 -7.63
CA VAL A 335 -34.94 -16.70 -7.51
C VAL A 335 -34.90 -15.66 -8.62
N ALA A 336 -33.71 -15.31 -9.10
CA ALA A 336 -33.61 -14.37 -10.21
C ALA A 336 -34.16 -14.97 -11.49
N ASP A 337 -34.04 -16.28 -11.64
CA ASP A 337 -34.67 -16.95 -12.77
C ASP A 337 -36.10 -17.40 -12.43
N LEU A 338 -36.52 -17.24 -11.18
CA LEU A 338 -37.94 -17.29 -10.85
C LEU A 338 -38.63 -15.99 -11.25
N ARG A 339 -37.84 -14.93 -11.48
CA ARG A 339 -38.38 -13.68 -11.98
C ARG A 339 -38.58 -13.72 -13.49
N ALA A 340 -37.77 -14.50 -14.19
CA ALA A 340 -37.88 -14.57 -15.64
C ALA A 340 -39.13 -15.32 -16.05
N ARG A 341 -39.40 -16.46 -15.40
CA ARG A 341 -40.71 -17.07 -15.53
C ARG A 341 -41.77 -16.25 -14.81
N GLY A 342 -41.37 -15.55 -13.73
CA GLY A 342 -42.20 -14.52 -13.14
C GLY A 342 -43.35 -15.00 -12.28
N GLN A 343 -43.48 -16.31 -12.08
CA GLN A 343 -44.67 -16.83 -11.41
C GLN A 343 -44.63 -16.61 -9.91
N GLY A 344 -43.44 -16.32 -9.38
CA GLY A 344 -43.32 -16.02 -7.97
C GLY A 344 -43.62 -14.57 -7.67
N SER A 345 -44.77 -14.33 -7.07
CA SER A 345 -45.11 -13.01 -6.52
C SER A 345 -44.50 -12.90 -5.12
N SER A 346 -44.96 -11.91 -4.36
CA SER A 346 -44.34 -11.67 -3.06
C SER A 346 -44.66 -12.73 -2.00
N PRO A 347 -45.86 -13.33 -1.91
CA PRO A 347 -46.01 -14.49 -1.01
C PRO A 347 -45.91 -15.88 -1.66
N VAL A 348 -45.55 -16.01 -2.93
CA VAL A 348 -45.64 -17.30 -3.61
C VAL A 348 -44.53 -18.24 -3.16
N ALA A 349 -43.29 -17.78 -3.23
CA ALA A 349 -42.15 -18.63 -2.86
C ALA A 349 -41.35 -18.01 -1.73
N MET A 350 -42.03 -17.51 -0.70
CA MET A 350 -41.36 -16.84 0.41
C MET A 350 -40.56 -17.81 1.28
N GLN A 351 -40.87 -19.11 1.20
CA GLN A 351 -40.07 -20.13 1.88
C GLN A 351 -38.63 -20.13 1.37
N LYS A 352 -38.46 -19.94 0.07
CA LYS A 352 -37.12 -19.75 -0.47
C LYS A 352 -36.56 -18.37 -0.11
N ALA A 353 -37.42 -17.34 -0.16
CA ALA A 353 -36.96 -15.97 0.04
C ALA A 353 -36.57 -15.70 1.47
N GLN A 354 -37.14 -16.46 2.41
CA GLN A 354 -36.66 -16.33 3.79
C GLN A 354 -35.33 -17.05 3.98
N GLN A 355 -35.17 -18.22 3.35
CA GLN A 355 -33.89 -18.93 3.44
C GLN A 355 -32.80 -18.21 2.66
N VAL A 356 -33.17 -17.38 1.69
CA VAL A 356 -32.19 -16.46 1.11
C VAL A 356 -31.87 -15.34 2.08
N SER A 357 -32.91 -14.75 2.69
CA SER A 357 -32.71 -13.63 3.60
C SER A 357 -32.04 -14.09 4.90
N GLN A 358 -32.23 -15.35 5.27
CA GLN A 358 -31.40 -15.91 6.34
C GLN A 358 -30.07 -16.39 5.79
N GLY A 359 -30.02 -16.77 4.51
CA GLY A 359 -28.76 -17.21 3.93
C GLY A 359 -27.78 -16.07 3.73
N LEU A 360 -28.30 -14.87 3.44
CA LEU A 360 -27.46 -13.70 3.48
C LEU A 360 -27.12 -13.32 4.91
N ASP A 361 -28.01 -13.66 5.85
CA ASP A 361 -27.77 -13.33 7.25
C ASP A 361 -26.63 -14.16 7.82
N VAL A 362 -26.45 -15.39 7.31
CA VAL A 362 -25.26 -16.15 7.63
C VAL A 362 -24.02 -15.49 7.03
N LEU A 363 -24.18 -14.96 5.81
CA LEU A 363 -23.07 -14.28 5.15
C LEU A 363 -22.69 -13.01 5.90
N THR A 364 -23.66 -12.29 6.43
CA THR A 364 -23.31 -11.05 7.12
C THR A 364 -22.89 -11.31 8.56
N ALA A 365 -23.22 -12.47 9.13
CA ALA A 365 -22.84 -12.74 10.51
C ALA A 365 -21.38 -13.15 10.58
N LYS A 366 -20.94 -13.99 9.64
CA LYS A 366 -19.60 -14.54 9.70
C LYS A 366 -18.56 -13.50 9.33
N VAL A 367 -18.97 -12.47 8.59
CA VAL A 367 -17.99 -11.46 8.21
C VAL A 367 -17.79 -10.46 9.35
N GLU A 368 -18.84 -10.13 10.09
CA GLU A 368 -18.72 -9.12 11.14
C GLU A 368 -18.13 -9.69 12.40
N ASN A 369 -18.10 -11.01 12.52
CA ASN A 369 -17.57 -11.67 13.70
C ASN A 369 -16.13 -12.12 13.48
N ALA A 370 -15.79 -12.52 12.26
CA ALA A 370 -14.40 -12.73 11.93
C ALA A 370 -13.65 -11.41 11.77
N ALA A 371 -14.37 -10.30 11.68
CA ALA A 371 -13.75 -8.98 11.61
C ALA A 371 -13.03 -8.66 12.91
N ARG A 372 -13.72 -8.82 14.04
CA ARG A 372 -13.07 -8.63 15.33
C ARG A 372 -12.02 -9.70 15.57
N LYS A 373 -12.21 -10.88 14.98
CA LYS A 373 -11.18 -11.90 15.01
C LYS A 373 -10.16 -11.74 13.90
N LEU A 374 -10.26 -10.68 13.09
CA LEU A 374 -9.19 -10.26 12.20
C LEU A 374 -8.33 -9.18 12.80
N GLU A 375 -8.96 -8.14 13.35
CA GLU A 375 -8.24 -6.98 13.87
C GLU A 375 -7.60 -7.26 15.22
N ALA A 376 -7.92 -8.38 15.86
CA ALA A 376 -7.45 -8.63 17.20
C ALA A 376 -5.95 -8.90 17.24
N MET A 377 -5.43 -9.55 16.18
CA MET A 377 -3.98 -9.76 16.11
C MET A 377 -3.24 -8.44 15.99
N THR A 378 -3.83 -7.50 15.25
CA THR A 378 -3.22 -6.19 15.11
C THR A 378 -3.32 -5.38 16.40
N ASN A 379 -4.30 -5.68 17.25
CA ASN A 379 -4.30 -5.09 18.60
C ASN A 379 -3.13 -5.60 19.41
N SER A 380 -2.83 -6.89 19.26
CA SER A 380 -1.75 -7.46 20.05
C SER A 380 -0.39 -7.16 19.44
N LYS A 381 -0.33 -7.02 18.12
CA LYS A 381 0.94 -6.80 17.46
C LYS A 381 1.52 -5.43 17.81
N GLN A 382 0.66 -4.41 17.86
CA GLN A 382 1.11 -3.12 18.36
C GLN A 382 1.41 -3.18 19.85
N SER A 383 0.70 -4.04 20.57
CA SER A 383 0.91 -4.16 22.00
C SER A 383 2.24 -4.85 22.28
N ILE A 384 2.53 -5.93 21.54
CA ILE A 384 3.70 -6.74 21.84
C ILE A 384 4.97 -6.03 21.41
N ALA A 385 4.87 -5.05 20.50
CA ALA A 385 6.05 -4.28 20.14
C ALA A 385 6.46 -3.33 21.25
N LYS A 386 5.55 -3.01 22.17
CA LYS A 386 5.86 -2.05 23.22
C LYS A 386 6.77 -2.66 24.28
N LYS A 387 6.47 -3.88 24.68
CA LYS A 387 7.13 -4.45 25.86
C LYS A 387 8.43 -5.15 25.51
N ILE A 388 8.64 -5.53 24.25
CA ILE A 388 9.86 -6.24 23.86
C ILE A 388 11.07 -5.34 23.97
N ASP A 389 10.91 -4.05 23.68
CA ASP A 389 11.97 -3.08 23.85
C ASP A 389 11.87 -2.34 25.17
N ALA A 390 10.78 -2.55 25.91
CA ALA A 390 10.73 -2.09 27.29
C ALA A 390 11.67 -2.89 28.17
N ALA A 391 12.10 -4.06 27.69
CA ALA A 391 13.07 -4.93 28.35
C ALA A 391 14.35 -4.19 28.75
N GLN A 392 14.79 -3.27 27.89
CA GLN A 392 16.02 -2.53 28.14
C GLN A 392 15.89 -1.60 29.33
N ASN A 393 14.67 -1.20 29.69
CA ASN A 393 14.44 -0.26 30.77
C ASN A 393 14.78 -0.87 32.13
N TRP A 394 14.05 -1.90 32.54
CA TRP A 394 14.25 -2.39 33.89
C TRP A 394 15.47 -3.27 34.04
N LEU A 395 15.96 -3.85 32.94
CA LEU A 395 17.19 -4.61 33.02
C LEU A 395 18.40 -3.70 33.23
N ALA A 396 18.28 -2.44 32.84
CA ALA A 396 19.36 -1.49 32.99
C ALA A 396 19.66 -1.20 34.44
N ASP A 397 18.63 -0.87 35.22
CA ASP A 397 18.83 -0.60 36.62
C ASP A 397 18.65 -1.88 37.44
N PRO A 398 19.65 -2.28 38.21
CA PRO A 398 19.38 -3.27 39.25
C PRO A 398 18.66 -2.61 40.41
N ASN A 399 17.36 -2.84 40.51
CA ASN A 399 16.54 -2.21 41.52
C ASN A 399 16.19 -3.24 42.59
N GLY A 400 16.31 -2.84 43.85
CA GLY A 400 15.99 -3.72 44.96
C GLY A 400 14.51 -3.74 45.27
N GLY A 401 13.82 -2.63 45.00
CA GLY A 401 12.40 -2.57 45.22
C GLY A 401 11.47 -2.20 44.06
N PRO A 402 11.64 -2.76 42.82
CA PRO A 402 10.73 -2.35 41.74
C PRO A 402 9.43 -3.14 41.76
N GLU A 403 8.77 -3.26 42.91
CA GLU A 403 7.64 -4.18 43.01
C GLU A 403 6.41 -3.63 42.30
N GLY A 404 6.25 -2.30 42.27
CA GLY A 404 5.20 -1.69 41.47
C GLY A 404 5.55 -1.83 40.01
N GLU A 405 6.84 -1.73 39.73
CA GLU A 405 7.33 -2.00 38.38
C GLU A 405 7.25 -3.48 38.06
N GLU A 406 7.38 -4.34 39.08
CA GLU A 406 7.34 -5.79 38.87
C GLU A 406 5.99 -6.22 38.33
N GLN A 407 4.92 -5.59 38.82
CA GLN A 407 3.59 -5.88 38.31
C GLN A 407 3.42 -5.38 36.88
N ILE A 408 4.19 -4.37 36.49
CA ILE A 408 4.07 -3.84 35.13
C ILE A 408 4.62 -4.85 34.12
N ARG A 409 5.89 -5.20 34.24
CA ARG A 409 6.45 -6.15 33.28
C ARG A 409 5.98 -7.57 33.58
N GLY A 410 5.46 -7.81 34.79
CA GLY A 410 4.92 -9.12 35.10
C GLY A 410 3.61 -9.37 34.41
N ALA A 411 2.62 -8.51 34.66
CA ALA A 411 1.28 -8.73 34.13
C ALA A 411 1.21 -8.45 32.64
N LEU A 412 2.07 -7.58 32.12
CA LEU A 412 2.04 -7.36 30.69
C LEU A 412 2.72 -8.50 29.94
N ALA A 413 3.67 -9.19 30.58
CA ALA A 413 4.14 -10.45 30.01
C ALA A 413 3.07 -11.51 30.08
N GLU A 414 2.20 -11.42 31.09
CA GLU A 414 1.00 -12.24 31.11
C GLU A 414 0.00 -11.75 30.07
N ALA A 415 0.03 -10.47 29.74
CA ALA A 415 -0.78 -9.99 28.63
C ALA A 415 -0.20 -10.44 27.30
N ARG A 416 1.10 -10.70 27.26
CA ARG A 416 1.68 -11.35 26.09
C ARG A 416 1.17 -12.78 25.99
N LYS A 417 0.97 -13.43 27.13
CA LYS A 417 0.29 -14.72 27.14
C LYS A 417 -1.17 -14.58 26.73
N ILE A 418 -1.82 -13.48 27.15
CA ILE A 418 -3.15 -13.16 26.64
C ILE A 418 -3.10 -12.94 25.14
N ALA A 419 -2.05 -12.26 24.68
CA ALA A 419 -1.80 -12.17 23.25
C ALA A 419 -1.45 -13.53 22.67
N GLU A 420 -0.78 -14.37 23.45
CA GLU A 420 -0.58 -15.74 22.99
C GLU A 420 -1.88 -16.52 23.05
N LEU A 421 -2.74 -16.21 24.03
CA LEU A 421 -4.10 -16.74 24.01
C LEU A 421 -4.89 -16.17 22.84
N CYS A 422 -4.52 -14.97 22.39
CA CYS A 422 -5.03 -14.52 21.10
C CYS A 422 -4.28 -15.18 19.96
N ASP A 423 -3.00 -15.54 20.16
CA ASP A 423 -2.23 -16.14 19.08
C ASP A 423 -2.60 -17.60 18.85
N ASP A 424 -2.90 -18.34 19.92
CA ASP A 424 -3.21 -19.77 19.98
C ASP A 424 -4.11 -20.34 18.87
N PRO A 425 -5.34 -19.85 18.64
CA PRO A 425 -6.32 -20.72 17.95
C PRO A 425 -6.12 -20.84 16.46
N LYS A 426 -5.19 -20.10 15.86
CA LYS A 426 -5.06 -20.11 14.41
C LYS A 426 -4.31 -21.34 13.90
N GLU A 427 -3.54 -21.99 14.76
CA GLU A 427 -2.66 -23.08 14.35
C GLU A 427 -2.43 -23.94 15.58
N ARG A 428 -1.73 -25.07 15.42
CA ARG A 428 -1.38 -25.85 16.61
C ARG A 428 0.11 -26.10 16.76
N ASP A 429 0.78 -26.51 15.68
CA ASP A 429 2.16 -27.00 15.73
C ASP A 429 3.18 -25.97 16.19
N ASP A 430 3.29 -24.87 15.44
CA ASP A 430 4.19 -23.79 15.84
C ASP A 430 3.66 -23.07 17.07
N ILE A 431 2.37 -23.22 17.36
CA ILE A 431 1.75 -22.59 18.52
C ILE A 431 2.32 -23.15 19.82
N LEU A 432 2.42 -24.47 19.92
CA LEU A 432 2.74 -25.08 21.21
C LEU A 432 4.19 -24.86 21.60
N ARG A 433 5.08 -24.69 20.62
CA ARG A 433 6.45 -24.35 20.97
C ARG A 433 6.53 -22.90 21.44
N SER A 434 5.61 -22.06 20.97
CA SER A 434 5.52 -20.72 21.52
C SER A 434 4.67 -20.72 22.77
N LEU A 435 3.64 -21.56 22.82
CA LEU A 435 2.79 -21.65 24.00
C LEU A 435 3.47 -22.38 25.14
N GLY A 436 4.62 -23.02 24.90
CA GLY A 436 5.42 -23.52 25.98
C GLY A 436 6.46 -22.50 26.41
N GLU A 437 7.08 -21.84 25.42
CA GLU A 437 8.16 -20.91 25.71
C GLU A 437 7.64 -19.58 26.25
N ILE A 438 6.33 -19.34 26.16
CA ILE A 438 5.75 -18.15 26.78
C ILE A 438 5.84 -18.26 28.29
N SER A 439 5.77 -19.47 28.82
CA SER A 439 5.95 -19.63 30.26
C SER A 439 7.41 -19.80 30.62
N ALA A 440 8.27 -20.07 29.63
CA ALA A 440 9.68 -20.22 29.91
C ALA A 440 10.31 -18.89 30.33
N LEU A 441 9.82 -17.79 29.77
CA LEU A 441 10.34 -16.48 30.16
C LEU A 441 9.75 -16.04 31.49
N THR A 442 8.62 -16.62 31.88
CA THR A 442 8.05 -16.32 33.19
C THR A 442 8.92 -16.89 34.30
N SER A 443 9.65 -17.96 34.01
CA SER A 443 10.66 -18.47 34.93
C SER A 443 11.79 -17.46 35.07
N LYS A 444 12.18 -16.84 33.96
CA LYS A 444 13.14 -15.75 34.05
C LYS A 444 12.49 -14.52 34.67
N LEU A 445 11.19 -14.37 34.49
CA LEU A 445 10.44 -13.36 35.23
C LEU A 445 10.32 -13.76 36.69
N ALA A 446 10.33 -15.06 36.98
CA ALA A 446 10.39 -15.49 38.37
C ALA A 446 11.78 -15.25 38.95
N ASP A 447 12.79 -15.11 38.09
CA ASP A 447 14.14 -14.82 38.59
C ASP A 447 14.28 -13.38 39.02
N LEU A 448 13.29 -12.54 38.73
CA LEU A 448 13.34 -11.14 39.10
C LEU A 448 13.03 -10.93 40.57
N ARG A 449 12.53 -11.97 41.24
CA ARG A 449 12.05 -11.86 42.60
C ARG A 449 13.16 -12.10 43.60
N ARG A 450 14.06 -13.03 43.27
CA ARG A 450 15.09 -13.46 44.20
C ARG A 450 16.20 -12.41 44.27
N GLN A 451 16.62 -11.93 43.11
CA GLN A 451 17.49 -10.77 43.03
C GLN A 451 16.73 -9.49 43.32
N GLY A 452 15.40 -9.54 43.32
CA GLY A 452 14.55 -8.50 43.84
C GLY A 452 14.55 -8.43 45.35
N LYS A 453 15.28 -9.34 45.99
CA LYS A 453 15.77 -9.13 47.35
C LYS A 453 17.12 -8.43 47.33
N GLY A 454 17.21 -7.35 46.56
CA GLY A 454 18.41 -6.53 46.46
C GLY A 454 19.66 -7.23 45.98
N ASP A 455 19.73 -7.60 44.70
CA ASP A 455 20.93 -8.23 44.16
C ASP A 455 21.25 -7.70 42.75
N SER A 456 22.32 -6.93 42.66
CA SER A 456 22.85 -6.39 41.41
C SER A 456 23.71 -7.33 40.55
N PRO A 457 24.79 -7.98 41.04
CA PRO A 457 25.77 -8.55 40.10
C PRO A 457 25.32 -9.82 39.40
N GLU A 458 24.17 -10.36 39.78
CA GLU A 458 23.55 -11.43 39.00
C GLU A 458 22.41 -10.91 38.13
N ALA A 459 21.96 -9.67 38.38
CA ALA A 459 20.97 -9.06 37.49
C ALA A 459 21.56 -8.80 36.11
N ARG A 460 22.89 -8.65 36.04
CA ARG A 460 23.55 -8.58 34.73
C ARG A 460 23.68 -9.95 34.09
N ALA A 461 23.62 -11.03 34.89
CA ALA A 461 23.93 -12.35 34.36
C ALA A 461 22.77 -12.91 33.55
N LEU A 462 21.57 -12.94 34.11
CA LEU A 462 20.41 -13.40 33.36
C LEU A 462 19.97 -12.39 32.31
N ALA A 463 20.48 -11.15 32.41
CA ALA A 463 20.18 -10.13 31.42
C ALA A 463 20.64 -10.55 30.04
N LYS A 464 21.80 -11.21 29.95
CA LYS A 464 22.24 -11.77 28.68
C LYS A 464 21.37 -12.95 28.27
N GLN A 465 20.80 -13.66 29.25
CA GLN A 465 19.97 -14.80 28.94
C GLN A 465 18.57 -14.37 28.56
N VAL A 466 18.08 -13.27 29.14
CA VAL A 466 16.79 -12.76 28.70
C VAL A 466 16.96 -11.82 27.53
N ALA A 467 18.21 -11.50 27.17
CA ALA A 467 18.46 -10.77 25.93
C ALA A 467 18.06 -11.60 24.72
N THR A 468 18.43 -12.87 24.73
CA THR A 468 18.02 -13.77 23.65
C THR A 468 16.55 -14.11 23.78
N ALA A 469 16.04 -14.18 25.02
CA ALA A 469 14.70 -14.73 25.25
C ALA A 469 13.62 -13.74 24.85
N LEU A 470 13.81 -12.46 25.15
CA LEU A 470 12.80 -11.44 24.88
C LEU A 470 12.56 -11.27 23.39
N GLN A 471 13.63 -11.19 22.61
CA GLN A 471 13.51 -11.04 21.17
C GLN A 471 13.01 -12.34 20.53
N ASN A 472 13.23 -13.47 21.19
CA ASN A 472 12.70 -14.73 20.69
C ASN A 472 11.18 -14.77 20.83
N LEU A 473 10.64 -14.07 21.83
CA LEU A 473 9.19 -14.05 22.03
C LEU A 473 8.53 -13.28 20.90
N GLN A 474 9.16 -12.19 20.47
CA GLN A 474 8.60 -11.43 19.36
C GLN A 474 8.75 -12.19 18.06
N THR A 475 9.89 -12.88 17.89
CA THR A 475 10.23 -13.53 16.62
C THR A 475 9.28 -14.68 16.32
N LYS A 476 8.75 -15.33 17.35
CA LYS A 476 7.70 -16.32 17.12
C LYS A 476 6.40 -15.64 16.71
N THR A 477 6.08 -14.49 17.34
CA THR A 477 4.92 -13.74 16.90
C THR A 477 5.17 -13.04 15.59
N ASN A 478 6.45 -12.84 15.23
CA ASN A 478 6.80 -12.44 13.88
C ASN A 478 6.45 -13.55 12.89
N ARG A 479 6.55 -14.80 13.33
CA ARG A 479 6.11 -15.91 12.49
C ARG A 479 4.61 -16.10 12.54
N ALA A 480 3.91 -15.42 13.45
CA ALA A 480 2.48 -15.64 13.65
C ALA A 480 1.64 -14.98 12.58
N VAL A 481 2.26 -14.24 11.66
CA VAL A 481 1.55 -13.52 10.63
C VAL A 481 1.57 -14.27 9.30
N ALA A 482 2.55 -15.17 9.11
CA ALA A 482 2.63 -15.94 7.88
C ALA A 482 1.63 -17.08 7.91
N ASN A 483 0.98 -17.28 9.06
CA ASN A 483 -0.15 -18.20 9.17
C ASN A 483 -1.43 -17.57 9.73
N SER A 484 -1.51 -16.24 9.83
CA SER A 484 -2.76 -15.58 10.18
C SER A 484 -3.22 -14.58 9.13
N ARG A 485 -2.35 -14.14 8.25
CA ARG A 485 -2.76 -13.44 7.05
C ARG A 485 -2.39 -14.32 5.88
N PRO A 486 -3.30 -14.55 4.94
CA PRO A 486 -2.96 -15.37 3.77
C PRO A 486 -2.04 -14.62 2.83
N ALA A 487 -1.63 -15.31 1.77
CA ALA A 487 -0.78 -14.69 0.76
C ALA A 487 -1.55 -13.59 0.06
N LYS A 488 -1.20 -12.35 0.37
CA LYS A 488 -2.00 -11.23 -0.09
C LYS A 488 -1.82 -11.00 -1.59
N ALA A 489 -2.69 -10.17 -2.11
CA ALA A 489 -2.78 -9.92 -3.53
C ALA A 489 -1.89 -8.77 -3.92
N ALA A 490 -1.46 -8.79 -5.17
CA ALA A 490 -0.90 -7.59 -5.75
C ALA A 490 -2.04 -6.61 -5.98
N VAL A 491 -1.72 -5.32 -5.91
CA VAL A 491 -2.73 -4.36 -6.35
C VAL A 491 -2.74 -4.33 -7.88
N HIS A 492 -1.63 -4.72 -8.50
CA HIS A 492 -1.61 -5.01 -9.92
C HIS A 492 -2.52 -6.19 -10.22
N LEU A 493 -3.35 -6.06 -11.25
CA LEU A 493 -4.11 -7.21 -11.71
C LEU A 493 -3.16 -8.23 -12.35
N GLU A 494 -2.20 -7.74 -13.13
CA GLU A 494 -1.25 -8.63 -13.77
C GLU A 494 -0.31 -9.26 -12.75
N GLY A 495 -0.11 -8.61 -11.62
CA GLY A 495 0.53 -9.28 -10.51
C GLY A 495 -0.33 -10.39 -9.96
N LYS A 496 -1.63 -10.15 -9.87
CA LYS A 496 -2.54 -11.18 -9.42
C LYS A 496 -2.71 -12.26 -10.47
N ILE A 497 -2.49 -11.92 -11.74
CA ILE A 497 -2.39 -12.96 -12.78
C ILE A 497 -1.22 -13.87 -12.49
N GLU A 498 -0.07 -13.28 -12.19
CA GLU A 498 1.12 -14.05 -11.81
C GLU A 498 0.88 -14.78 -10.50
N GLN A 499 0.22 -14.11 -9.54
CA GLN A 499 -0.14 -14.75 -8.28
C GLN A 499 -1.09 -15.92 -8.50
N ALA A 500 -2.01 -15.78 -9.46
CA ALA A 500 -2.81 -16.92 -9.88
C ALA A 500 -1.94 -17.98 -10.52
N GLN A 501 -0.94 -17.57 -11.29
CA GLN A 501 -0.20 -18.49 -12.13
C GLN A 501 0.70 -19.40 -11.30
N ARG A 502 1.34 -18.86 -10.26
CA ARG A 502 2.32 -19.61 -9.50
C ARG A 502 1.65 -20.69 -8.66
N TRP A 503 0.40 -20.46 -8.30
CA TRP A 503 -0.32 -21.36 -7.40
C TRP A 503 -0.72 -22.66 -8.10
N ILE A 504 -0.67 -22.70 -9.42
CA ILE A 504 -1.28 -23.81 -10.16
C ILE A 504 -0.47 -25.09 -9.99
N ASP A 505 0.85 -24.96 -9.79
CA ASP A 505 1.67 -26.16 -9.64
C ASP A 505 1.49 -26.80 -8.27
N ASN A 506 1.90 -26.12 -7.20
CA ASN A 506 1.88 -26.68 -5.85
C ASN A 506 1.01 -25.83 -4.93
N PRO A 507 -0.28 -26.16 -4.82
CA PRO A 507 -1.20 -25.25 -4.10
C PRO A 507 -1.02 -25.23 -2.60
N THR A 508 -0.85 -26.40 -1.97
CA THR A 508 -0.98 -26.49 -0.52
C THR A 508 0.24 -25.94 0.19
N VAL A 509 1.40 -26.00 -0.47
CA VAL A 509 2.64 -25.71 0.24
C VAL A 509 2.84 -24.21 0.40
N ASP A 510 2.21 -23.41 -0.44
CA ASP A 510 2.49 -22.00 -0.42
C ASP A 510 1.71 -21.32 0.69
N ASP A 511 2.03 -20.05 0.90
CA ASP A 511 1.17 -19.18 1.69
C ASP A 511 -0.19 -19.10 1.01
N ARG A 512 -1.23 -18.98 1.84
CA ARG A 512 -2.57 -19.39 1.47
C ARG A 512 -3.20 -18.43 0.48
N GLY A 513 -3.90 -19.01 -0.50
CA GLY A 513 -4.66 -18.24 -1.47
C GLY A 513 -3.80 -17.36 -2.33
N VAL A 514 -2.55 -17.80 -2.56
CA VAL A 514 -1.65 -17.09 -3.45
C VAL A 514 -2.23 -17.01 -4.85
N GLY A 515 -2.92 -18.06 -5.29
CA GLY A 515 -3.74 -17.92 -6.44
C GLY A 515 -5.19 -18.08 -6.09
N GLN A 516 -5.49 -18.86 -5.05
CA GLN A 516 -6.87 -19.21 -4.74
C GLN A 516 -7.66 -17.97 -4.34
N ALA A 517 -7.14 -17.19 -3.40
CA ALA A 517 -7.74 -15.90 -3.11
C ALA A 517 -7.53 -14.92 -4.25
N ALA A 518 -6.47 -15.10 -5.05
CA ALA A 518 -6.27 -14.25 -6.21
C ALA A 518 -7.32 -14.55 -7.28
N ILE A 519 -7.67 -15.83 -7.43
CA ILE A 519 -8.81 -16.16 -8.26
C ILE A 519 -10.09 -15.64 -7.63
N ARG A 520 -10.19 -15.73 -6.29
CA ARG A 520 -11.31 -15.11 -5.58
C ARG A 520 -11.30 -13.60 -5.77
N GLY A 521 -10.11 -13.01 -5.87
CA GLY A 521 -10.02 -11.58 -6.11
C GLY A 521 -10.34 -11.21 -7.55
N LEU A 522 -9.88 -12.01 -8.51
CA LEU A 522 -10.03 -11.65 -9.91
C LEU A 522 -11.46 -11.78 -10.38
N VAL A 523 -12.21 -12.70 -9.80
CA VAL A 523 -13.56 -12.99 -10.24
C VAL A 523 -14.54 -12.08 -9.52
N ALA A 524 -14.21 -11.68 -8.29
CA ALA A 524 -15.10 -10.80 -7.53
C ALA A 524 -15.18 -9.40 -8.10
N GLU A 525 -14.24 -9.00 -8.95
CA GLU A 525 -14.31 -7.68 -9.55
C GLU A 525 -15.14 -7.66 -10.82
N GLY A 526 -15.16 -8.75 -11.59
CA GLY A 526 -16.04 -8.82 -12.73
C GLY A 526 -17.51 -8.80 -12.32
N HIS A 527 -17.82 -9.37 -11.17
CA HIS A 527 -19.13 -9.20 -10.55
C HIS A 527 -19.40 -7.73 -10.24
N ARG A 528 -18.38 -7.02 -9.73
CA ARG A 528 -18.50 -5.59 -9.55
C ARG A 528 -18.58 -4.85 -10.88
N LEU A 529 -18.10 -5.47 -11.96
CA LEU A 529 -18.18 -4.85 -13.27
C LEU A 529 -19.53 -5.15 -13.92
N ALA A 530 -20.03 -6.36 -13.75
CA ALA A 530 -21.14 -6.80 -14.58
C ALA A 530 -22.46 -6.16 -14.15
N ASN A 531 -22.59 -5.85 -12.86
CA ASN A 531 -23.89 -5.47 -12.31
C ASN A 531 -24.35 -4.11 -12.83
N VAL A 532 -23.43 -3.16 -12.92
CA VAL A 532 -23.78 -1.84 -13.41
C VAL A 532 -24.04 -1.90 -14.90
N MET A 533 -23.38 -2.81 -15.61
CA MET A 533 -23.65 -3.00 -17.02
C MET A 533 -25.02 -3.63 -17.23
N MET A 534 -25.51 -3.56 -18.46
CA MET A 534 -26.91 -3.80 -18.77
C MET A 534 -27.26 -5.28 -18.70
N GLY A 535 -28.55 -5.53 -18.48
CA GLY A 535 -29.17 -6.83 -18.32
C GLY A 535 -28.74 -8.00 -19.20
N PRO A 536 -28.88 -7.89 -20.53
CA PRO A 536 -28.50 -9.04 -21.37
C PRO A 536 -27.01 -9.31 -21.39
N TYR A 537 -26.20 -8.28 -21.16
CA TYR A 537 -24.78 -8.50 -20.95
C TYR A 537 -24.44 -8.81 -19.50
N ARG A 538 -25.35 -8.52 -18.57
CA ARG A 538 -25.06 -8.71 -17.15
C ARG A 538 -24.89 -10.18 -16.82
N GLN A 539 -25.93 -10.98 -17.08
CA GLN A 539 -25.83 -12.42 -16.87
C GLN A 539 -24.85 -13.06 -17.85
N ASP A 540 -24.69 -12.46 -19.04
CA ASP A 540 -23.66 -12.87 -19.98
C ASP A 540 -22.27 -12.69 -19.40
N LEU A 541 -22.03 -11.56 -18.73
CA LEU A 541 -20.75 -11.40 -18.07
C LEU A 541 -20.68 -12.23 -16.79
N LEU A 542 -21.82 -12.36 -16.10
CA LEU A 542 -21.90 -13.31 -14.99
C LEU A 542 -21.64 -14.73 -15.45
N ALA A 543 -22.09 -15.07 -16.66
CA ALA A 543 -21.71 -16.35 -17.26
C ALA A 543 -20.20 -16.43 -17.43
N LYS A 544 -19.58 -15.37 -17.91
CA LYS A 544 -18.12 -15.37 -17.98
C LYS A 544 -17.51 -15.16 -16.61
N CYS A 545 -18.26 -14.60 -15.66
CA CYS A 545 -17.79 -14.60 -14.28
C CYS A 545 -17.82 -16.00 -13.70
N ASP A 546 -18.92 -16.71 -13.90
CA ASP A 546 -19.14 -17.89 -13.08
C ASP A 546 -18.70 -19.18 -13.75
N ARG A 547 -18.45 -19.14 -15.07
CA ARG A 547 -17.89 -20.32 -15.72
C ARG A 547 -16.46 -20.55 -15.28
N VAL A 548 -15.77 -19.49 -14.89
CA VAL A 548 -14.44 -19.63 -14.32
C VAL A 548 -14.53 -19.75 -12.80
N ASP A 549 -15.57 -19.17 -12.20
CA ASP A 549 -15.76 -19.27 -10.75
C ASP A 549 -16.14 -20.67 -10.31
N GLN A 550 -16.67 -21.51 -11.21
CA GLN A 550 -16.91 -22.90 -10.85
C GLN A 550 -15.62 -23.70 -10.74
N LEU A 551 -14.52 -23.15 -11.24
CA LEU A 551 -13.20 -23.76 -11.10
C LEU A 551 -12.53 -23.43 -9.78
N THR A 552 -13.25 -22.82 -8.83
CA THR A 552 -12.67 -22.49 -7.53
C THR A 552 -12.44 -23.74 -6.70
N ALA A 553 -13.51 -24.48 -6.43
CA ALA A 553 -13.37 -25.76 -5.75
C ALA A 553 -12.74 -26.79 -6.67
N GLN A 554 -12.98 -26.67 -7.98
CA GLN A 554 -12.40 -27.60 -8.95
C GLN A 554 -10.88 -27.46 -9.05
N LEU A 555 -10.32 -26.35 -8.60
CA LEU A 555 -8.88 -26.25 -8.37
C LEU A 555 -8.53 -26.19 -6.90
N ALA A 556 -9.49 -26.42 -6.00
CA ALA A 556 -9.20 -26.58 -4.58
C ALA A 556 -9.25 -28.04 -4.14
N ASP A 557 -9.26 -28.98 -5.08
CA ASP A 557 -9.46 -30.38 -4.76
C ASP A 557 -8.38 -31.31 -5.32
N LEU A 558 -7.78 -30.97 -6.46
CA LEU A 558 -6.79 -31.85 -7.07
C LEU A 558 -5.49 -31.91 -6.30
N ALA A 559 -5.24 -30.98 -5.38
CA ALA A 559 -4.21 -31.16 -4.36
C ALA A 559 -4.80 -31.56 -3.02
N ALA A 560 -6.07 -31.23 -2.76
CA ALA A 560 -6.74 -31.70 -1.55
C ALA A 560 -7.07 -33.18 -1.62
N ARG A 561 -7.33 -33.71 -2.82
CA ARG A 561 -7.33 -35.15 -3.04
C ARG A 561 -6.45 -35.45 -4.25
N GLY A 562 -5.60 -36.45 -4.11
CA GLY A 562 -4.63 -36.82 -5.12
C GLY A 562 -3.62 -35.71 -5.39
N GLU A 563 -2.91 -35.88 -6.50
CA GLU A 563 -2.06 -34.84 -7.03
C GLU A 563 -2.62 -34.38 -8.37
N GLY A 564 -2.28 -33.15 -8.75
CA GLY A 564 -2.87 -32.56 -9.93
C GLY A 564 -2.26 -33.00 -11.24
N GLU A 565 -1.18 -33.79 -11.20
CA GLU A 565 -0.46 -34.16 -12.41
C GLU A 565 -1.23 -35.17 -13.26
N SER A 566 -2.31 -35.75 -12.74
CA SER A 566 -3.22 -36.52 -13.58
C SER A 566 -3.86 -35.59 -14.61
N PRO A 567 -4.01 -36.03 -15.86
CA PRO A 567 -4.44 -35.11 -16.91
C PRO A 567 -5.90 -34.72 -16.81
N GLN A 568 -6.72 -35.49 -16.08
CA GLN A 568 -8.06 -35.01 -15.78
C GLN A 568 -8.02 -33.91 -14.73
N ALA A 569 -6.92 -33.77 -14.02
CA ALA A 569 -6.64 -32.61 -13.19
C ALA A 569 -5.72 -31.60 -13.85
N ARG A 570 -4.90 -32.03 -14.81
CA ARG A 570 -4.04 -31.09 -15.53
C ARG A 570 -4.84 -30.25 -16.51
N ALA A 571 -5.61 -30.91 -17.39
CA ALA A 571 -6.38 -30.20 -18.40
C ALA A 571 -7.49 -29.36 -17.77
N LEU A 572 -8.03 -29.82 -16.66
CA LEU A 572 -9.01 -29.03 -15.91
C LEU A 572 -8.36 -27.81 -15.30
N ALA A 573 -7.06 -27.88 -15.03
CA ALA A 573 -6.32 -26.67 -14.70
C ALA A 573 -5.87 -25.93 -15.97
N SER A 574 -5.76 -26.63 -17.09
CA SER A 574 -5.27 -26.01 -18.31
C SER A 574 -6.39 -25.29 -19.05
N GLN A 575 -7.61 -25.84 -19.02
CA GLN A 575 -8.74 -25.15 -19.64
C GLN A 575 -9.23 -24.01 -18.75
N LEU A 576 -8.76 -23.96 -17.51
CA LEU A 576 -8.98 -22.81 -16.65
C LEU A 576 -8.37 -21.55 -17.23
N GLN A 577 -7.09 -21.61 -17.64
CA GLN A 577 -6.39 -20.40 -18.01
C GLN A 577 -6.86 -19.84 -19.35
N ASP A 578 -7.47 -20.68 -20.19
CA ASP A 578 -8.02 -20.19 -21.45
C ASP A 578 -9.22 -19.29 -21.19
N SER A 579 -10.13 -19.75 -20.32
CA SER A 579 -11.28 -18.94 -19.96
C SER A 579 -10.88 -17.79 -19.04
N LEU A 580 -9.80 -17.97 -18.29
CA LEU A 580 -9.35 -16.89 -17.42
C LEU A 580 -8.69 -15.78 -18.21
N LYS A 581 -8.10 -16.13 -19.35
CA LYS A 581 -7.58 -15.12 -20.28
C LYS A 581 -8.72 -14.28 -20.85
N ASP A 582 -9.92 -14.85 -20.94
CA ASP A 582 -11.07 -14.13 -21.45
C ASP A 582 -11.59 -13.09 -20.45
N LEU A 583 -11.14 -13.16 -19.20
CA LEU A 583 -11.60 -12.20 -18.19
C LEU A 583 -11.13 -10.79 -18.48
N LYS A 584 -9.81 -10.59 -18.52
CA LYS A 584 -9.22 -9.25 -18.40
C LYS A 584 -9.59 -8.36 -19.58
N ALA A 585 -9.63 -8.93 -20.79
CA ALA A 585 -9.92 -8.13 -21.98
C ALA A 585 -11.37 -7.71 -21.99
N ARG A 586 -12.25 -8.53 -21.43
CA ARG A 586 -13.61 -8.05 -21.16
C ARG A 586 -13.61 -7.10 -19.98
N MET A 587 -12.88 -7.45 -18.91
CA MET A 587 -12.90 -6.64 -17.69
C MET A 587 -12.26 -5.27 -17.91
N GLN A 588 -11.26 -5.21 -18.78
CA GLN A 588 -10.74 -3.92 -19.22
C GLN A 588 -11.80 -3.15 -20.00
N GLU A 589 -12.44 -3.83 -20.96
CA GLU A 589 -13.49 -3.20 -21.76
C GLU A 589 -14.69 -2.89 -20.89
N ALA A 590 -14.91 -3.68 -19.84
CA ALA A 590 -15.95 -3.40 -18.86
C ALA A 590 -15.74 -2.04 -18.22
N MET A 591 -14.56 -1.86 -17.62
CA MET A 591 -14.20 -0.61 -16.97
C MET A 591 -14.15 0.55 -17.94
N THR A 592 -13.81 0.27 -19.20
CA THR A 592 -13.55 1.28 -20.21
C THR A 592 -14.79 2.11 -20.48
N GLN A 593 -15.93 1.45 -20.61
CA GLN A 593 -17.16 2.17 -20.89
C GLN A 593 -17.62 2.95 -19.66
N GLU A 594 -17.23 2.47 -18.48
CA GLU A 594 -17.72 3.05 -17.25
C GLU A 594 -17.10 4.42 -17.00
N VAL A 595 -15.77 4.50 -17.12
CA VAL A 595 -15.05 5.73 -16.80
C VAL A 595 -15.41 6.84 -17.79
N SER A 596 -15.69 6.47 -19.04
CA SER A 596 -16.07 7.47 -20.03
C SER A 596 -17.48 7.97 -19.78
N ASP A 597 -18.26 7.25 -18.98
CA ASP A 597 -19.59 7.72 -18.66
C ASP A 597 -19.59 8.54 -17.37
N VAL A 598 -18.89 8.04 -16.35
CA VAL A 598 -19.04 8.65 -15.04
C VAL A 598 -18.20 9.93 -14.95
N PHE A 599 -17.12 10.00 -15.72
CA PHE A 599 -16.32 11.21 -15.73
C PHE A 599 -16.72 12.16 -16.83
N SER A 600 -17.92 12.01 -17.36
CA SER A 600 -18.44 12.99 -18.29
C SER A 600 -18.80 14.26 -17.53
N ASP A 601 -19.73 14.13 -16.59
CA ASP A 601 -20.16 15.27 -15.79
C ASP A 601 -19.19 15.51 -14.63
N THR A 602 -17.91 15.66 -14.94
CA THR A 602 -16.88 15.67 -13.90
C THR A 602 -16.99 16.88 -12.99
N THR A 603 -17.19 18.05 -13.57
CA THR A 603 -17.47 19.24 -12.79
C THR A 603 -18.90 19.71 -12.95
N THR A 604 -19.74 18.97 -13.67
CA THR A 604 -21.00 19.53 -14.16
C THR A 604 -22.07 19.70 -13.09
N PRO A 605 -22.44 18.68 -12.27
CA PRO A 605 -23.48 18.96 -11.27
C PRO A 605 -22.99 19.87 -10.18
N ILE A 606 -21.67 19.99 -10.04
CA ILE A 606 -21.05 20.91 -9.11
C ILE A 606 -21.33 22.34 -9.53
N LYS A 607 -21.28 22.61 -10.83
CA LYS A 607 -21.75 23.89 -11.31
C LYS A 607 -23.24 24.02 -11.14
N LEU A 608 -23.99 22.92 -11.30
CA LEU A 608 -25.41 22.93 -10.94
C LEU A 608 -25.58 23.09 -9.43
N LEU A 609 -24.64 22.55 -8.65
CA LEU A 609 -24.61 22.88 -7.23
C LEU A 609 -24.30 24.35 -7.03
N ALA A 610 -23.39 24.88 -7.85
CA ALA A 610 -22.93 26.25 -7.68
C ALA A 610 -24.04 27.24 -7.96
N VAL A 611 -24.73 27.05 -9.07
CA VAL A 611 -25.80 27.99 -9.41
C VAL A 611 -27.01 27.78 -8.51
N ALA A 612 -27.15 26.59 -7.93
CA ALA A 612 -28.09 26.44 -6.84
C ALA A 612 -27.62 27.23 -5.63
N ALA A 613 -26.33 27.11 -5.32
CA ALA A 613 -25.76 27.86 -4.21
C ALA A 613 -25.52 29.32 -4.54
N THR A 614 -25.71 29.74 -5.79
CA THR A 614 -25.39 31.12 -6.14
C THR A 614 -26.49 32.07 -5.68
N ALA A 615 -27.68 31.96 -6.26
CA ALA A 615 -28.77 32.87 -5.98
C ALA A 615 -30.04 32.15 -5.56
N PRO A 616 -30.16 31.73 -4.30
CA PRO A 616 -31.47 31.47 -3.75
C PRO A 616 -32.03 32.73 -3.12
N PRO A 617 -33.31 33.00 -3.31
CA PRO A 617 -33.96 34.07 -2.53
C PRO A 617 -34.55 33.56 -1.22
N ASP A 618 -34.10 32.38 -0.80
CA ASP A 618 -34.68 31.58 0.29
C ASP A 618 -36.17 31.32 0.06
N ALA A 619 -36.51 31.01 -1.19
CA ALA A 619 -37.86 30.62 -1.55
C ALA A 619 -38.13 29.21 -1.05
N PRO A 620 -39.40 28.84 -0.87
CA PRO A 620 -39.70 27.45 -0.49
C PRO A 620 -39.37 26.46 -1.59
N ASN A 621 -38.87 25.30 -1.16
CA ASN A 621 -38.56 24.10 -1.94
C ASN A 621 -37.36 24.26 -2.87
N ARG A 622 -36.77 25.45 -2.95
CA ARG A 622 -35.61 25.66 -3.79
C ARG A 622 -34.35 25.09 -3.14
N GLU A 623 -34.33 25.04 -1.82
CA GLU A 623 -33.29 24.30 -1.13
C GLU A 623 -33.46 22.81 -1.36
N GLU A 624 -34.70 22.35 -1.51
CA GLU A 624 -34.94 20.97 -1.92
C GLU A 624 -34.49 20.74 -3.36
N VAL A 625 -34.61 21.77 -4.20
CA VAL A 625 -34.02 21.71 -5.54
C VAL A 625 -32.52 21.57 -5.43
N PHE A 626 -31.90 22.23 -4.44
CA PHE A 626 -30.50 21.99 -4.16
C PHE A 626 -30.28 20.58 -3.64
N ASP A 627 -31.24 20.04 -2.88
CA ASP A 627 -31.03 18.78 -2.18
C ASP A 627 -30.89 17.63 -3.16
N GLU A 628 -31.65 17.66 -4.25
CA GLU A 628 -31.46 16.66 -5.28
C GLU A 628 -30.16 16.89 -6.04
N ARG A 629 -29.79 18.15 -6.25
CA ARG A 629 -28.47 18.45 -6.78
C ARG A 629 -27.40 17.98 -5.81
N ALA A 630 -27.65 18.19 -4.52
CA ALA A 630 -26.78 17.61 -3.51
C ALA A 630 -26.83 16.10 -3.57
N ALA A 631 -28.02 15.54 -3.80
CA ALA A 631 -28.14 14.10 -3.97
C ALA A 631 -27.42 13.64 -5.22
N ASN A 632 -27.46 14.46 -6.27
CA ASN A 632 -26.70 14.16 -7.48
C ASN A 632 -25.22 14.15 -7.22
N PHE A 633 -24.76 14.98 -6.28
CA PHE A 633 -23.34 15.15 -6.07
C PHE A 633 -22.71 13.90 -5.48
N GLU A 634 -23.39 13.27 -4.51
CA GLU A 634 -22.88 11.99 -4.04
C GLU A 634 -23.08 10.93 -5.10
N ASN A 635 -24.24 10.94 -5.76
CA ASN A 635 -24.55 9.91 -6.73
C ASN A 635 -23.65 10.02 -7.95
N HIS A 636 -23.16 11.21 -8.23
CA HIS A 636 -22.08 11.30 -9.19
C HIS A 636 -20.80 10.77 -8.59
N SER A 637 -20.45 11.24 -7.40
CA SER A 637 -19.15 10.93 -6.85
C SER A 637 -19.08 9.50 -6.34
N GLY A 638 -20.22 8.97 -5.90
CA GLY A 638 -20.24 7.60 -5.43
C GLY A 638 -20.01 6.63 -6.56
N LYS A 639 -20.49 6.98 -7.75
CA LYS A 639 -20.05 6.25 -8.92
C LYS A 639 -18.57 6.50 -9.19
N LEU A 640 -18.13 7.75 -9.01
CA LEU A 640 -16.72 8.05 -9.21
C LEU A 640 -15.87 7.38 -8.14
N GLY A 641 -16.38 7.35 -6.91
CA GLY A 641 -15.68 6.65 -5.85
C GLY A 641 -15.68 5.15 -6.07
N ALA A 642 -16.65 4.66 -6.83
CA ALA A 642 -16.65 3.25 -7.19
C ALA A 642 -15.68 2.98 -8.34
N THR A 643 -15.72 3.82 -9.37
CA THR A 643 -15.07 3.47 -10.63
C THR A 643 -13.57 3.54 -10.54
N ALA A 644 -13.05 4.51 -9.79
CA ALA A 644 -11.61 4.70 -9.76
C ALA A 644 -10.92 3.54 -9.07
N GLU A 645 -11.59 2.92 -8.11
CA GLU A 645 -11.11 1.66 -7.57
C GLU A 645 -11.13 0.57 -8.63
N LYS A 646 -12.21 0.51 -9.42
CA LYS A 646 -12.24 -0.44 -10.51
C LYS A 646 -11.28 -0.04 -11.61
N ALA A 647 -11.04 1.26 -11.76
CA ALA A 647 -9.94 1.70 -12.59
C ALA A 647 -8.63 1.24 -12.00
N ALA A 648 -8.53 1.27 -10.67
CA ALA A 648 -7.33 0.76 -10.03
C ALA A 648 -7.28 -0.76 -10.10
N ALA A 649 -8.43 -1.39 -10.32
CA ALA A 649 -8.44 -2.84 -10.45
C ALA A 649 -7.77 -3.28 -11.74
N VAL A 650 -7.97 -2.54 -12.82
CA VAL A 650 -7.49 -2.99 -14.12
C VAL A 650 -6.49 -2.00 -14.70
N GLY A 651 -5.75 -1.30 -13.82
CA GLY A 651 -4.97 -0.15 -14.25
C GLY A 651 -3.84 -0.47 -15.21
N THR A 652 -3.16 -1.61 -15.01
CA THR A 652 -2.04 -2.11 -15.82
C THR A 652 -0.95 -1.06 -15.95
N ALA A 653 -0.34 -0.71 -14.82
CA ALA A 653 0.60 0.39 -14.78
C ALA A 653 1.54 0.20 -13.59
N ASN A 654 2.24 1.29 -13.24
CA ASN A 654 3.06 1.36 -12.04
C ASN A 654 2.24 1.13 -10.78
N LYS A 655 2.92 0.72 -9.71
CA LYS A 655 2.27 0.73 -8.42
C LYS A 655 1.99 2.15 -7.99
N SER A 656 2.90 3.07 -8.34
CA SER A 656 2.94 4.41 -7.77
C SER A 656 1.67 5.21 -8.07
N THR A 657 1.19 5.11 -9.30
CA THR A 657 -0.11 5.70 -9.61
C THR A 657 -1.22 4.94 -8.92
N VAL A 658 -1.18 3.60 -9.00
CA VAL A 658 -2.34 2.85 -8.56
C VAL A 658 -2.34 2.72 -7.04
N GLU A 659 -1.20 2.99 -6.40
CA GLU A 659 -1.26 3.23 -4.98
C GLU A 659 -1.60 4.69 -4.70
N GLY A 660 -1.29 5.57 -5.67
CA GLY A 660 -1.52 6.97 -5.44
C GLY A 660 -2.93 7.39 -5.80
N ILE A 661 -3.56 6.65 -6.73
CA ILE A 661 -4.90 7.02 -7.13
C ILE A 661 -5.90 6.68 -6.04
N GLN A 662 -5.63 5.63 -5.27
CA GLN A 662 -6.51 5.25 -4.18
C GLN A 662 -6.44 6.28 -3.07
N ALA A 663 -5.27 6.86 -2.89
CA ALA A 663 -5.14 8.02 -2.02
C ALA A 663 -5.94 9.19 -2.55
N SER A 664 -5.98 9.35 -3.87
CA SER A 664 -6.77 10.43 -4.44
C SER A 664 -8.25 10.13 -4.30
N VAL A 665 -8.62 8.85 -4.26
CA VAL A 665 -10.01 8.45 -4.12
C VAL A 665 -10.58 8.94 -2.79
N LYS A 666 -9.89 8.58 -1.70
CA LYS A 666 -10.40 8.89 -0.38
C LYS A 666 -10.36 10.39 -0.10
N THR A 667 -9.52 11.14 -0.79
CA THR A 667 -9.66 12.59 -0.76
C THR A 667 -11.00 13.00 -1.35
N ALA A 668 -11.32 12.45 -2.51
CA ALA A 668 -12.58 12.77 -3.17
C ALA A 668 -13.75 12.17 -2.40
N ARG A 669 -13.52 11.04 -1.74
CA ARG A 669 -14.55 10.46 -0.89
C ARG A 669 -14.86 11.37 0.28
N GLU A 670 -13.83 11.78 1.01
CA GLU A 670 -14.08 12.45 2.26
C GLU A 670 -14.37 13.93 2.07
N LEU A 671 -13.88 14.51 0.96
CA LEU A 671 -14.23 15.90 0.73
C LEU A 671 -15.62 16.04 0.15
N THR A 672 -16.21 14.94 -0.30
CA THR A 672 -17.58 14.98 -0.82
C THR A 672 -18.60 15.45 0.20
N PRO A 673 -18.60 15.02 1.46
CA PRO A 673 -19.47 15.73 2.43
C PRO A 673 -18.92 17.09 2.82
N GLN A 674 -17.60 17.28 2.75
CA GLN A 674 -17.01 18.57 3.05
C GLN A 674 -17.45 19.62 2.03
N VAL A 675 -17.67 19.19 0.79
CA VAL A 675 -18.28 20.07 -0.20
C VAL A 675 -19.68 20.46 0.24
N VAL A 676 -20.50 19.47 0.56
CA VAL A 676 -21.92 19.69 0.81
C VAL A 676 -22.10 20.53 2.07
N SER A 677 -21.30 20.23 3.10
CA SER A 677 -21.31 21.03 4.31
C SER A 677 -20.87 22.46 4.04
N ALA A 678 -19.93 22.65 3.12
CA ALA A 678 -19.62 23.99 2.66
C ALA A 678 -20.73 24.52 1.77
N ALA A 679 -21.29 23.64 0.93
CA ALA A 679 -22.36 24.08 0.04
C ALA A 679 -23.63 24.41 0.82
N ARG A 680 -23.88 23.67 1.90
CA ARG A 680 -25.07 23.94 2.70
C ARG A 680 -24.93 25.24 3.46
N ILE A 681 -23.75 25.50 4.01
CA ILE A 681 -23.61 26.70 4.84
C ILE A 681 -23.56 27.94 3.97
N LEU A 682 -23.17 27.80 2.70
CA LEU A 682 -23.37 28.88 1.75
C LEU A 682 -24.85 29.08 1.48
N LEU A 683 -25.60 27.99 1.48
CA LEU A 683 -27.04 28.11 1.32
C LEU A 683 -27.70 28.65 2.58
N ARG A 684 -27.04 28.55 3.74
CA ARG A 684 -27.67 29.03 4.97
C ARG A 684 -27.66 30.55 5.04
N ASN A 685 -26.52 31.19 4.80
CA ASN A 685 -26.47 32.62 4.47
C ASN A 685 -25.95 32.77 3.05
N PRO A 686 -26.84 32.85 2.07
CA PRO A 686 -26.42 33.20 0.72
C PRO A 686 -26.07 34.68 0.62
N GLY A 687 -25.23 34.99 -0.36
CA GLY A 687 -24.84 36.35 -0.61
C GLY A 687 -23.75 36.90 0.29
N ASN A 688 -23.39 36.19 1.36
CA ASN A 688 -22.29 36.64 2.21
C ASN A 688 -20.98 36.43 1.48
N GLN A 689 -20.08 37.40 1.63
CA GLN A 689 -18.79 37.34 0.95
C GLN A 689 -17.95 36.20 1.51
N ALA A 690 -17.77 36.18 2.83
CA ALA A 690 -16.87 35.23 3.46
C ALA A 690 -17.40 33.80 3.32
N ALA A 691 -18.71 33.65 3.26
CA ALA A 691 -19.29 32.35 2.95
C ALA A 691 -18.97 31.94 1.53
N TYR A 692 -18.98 32.90 0.61
CA TYR A 692 -18.78 32.57 -0.79
C TYR A 692 -17.34 32.18 -1.07
N GLU A 693 -16.39 32.98 -0.59
CA GLU A 693 -14.99 32.69 -0.88
C GLU A 693 -14.52 31.43 -0.17
N HIS A 694 -15.07 31.14 1.01
CA HIS A 694 -14.70 29.91 1.68
C HIS A 694 -15.30 28.71 0.95
N PHE A 695 -16.48 28.89 0.37
CA PHE A 695 -16.97 27.91 -0.59
C PHE A 695 -16.01 27.83 -1.76
N GLU A 696 -15.62 29.00 -2.27
CA GLU A 696 -14.66 29.07 -3.36
C GLU A 696 -13.28 28.57 -2.97
N THR A 697 -13.00 28.46 -1.66
CA THR A 697 -11.87 27.62 -1.30
C THR A 697 -12.29 26.18 -1.54
N MET A 698 -13.29 25.77 -0.77
CA MET A 698 -13.58 24.34 -0.59
C MET A 698 -14.08 23.69 -1.87
N LYS A 699 -14.94 24.39 -2.60
CA LYS A 699 -15.42 23.89 -3.88
C LYS A 699 -14.26 23.77 -4.85
N ASN A 700 -13.42 24.79 -4.91
CA ASN A 700 -12.27 24.72 -5.79
C ASN A 700 -11.21 23.81 -5.21
N GLN A 701 -11.23 23.60 -3.89
CA GLN A 701 -10.41 22.57 -3.28
C GLN A 701 -10.86 21.19 -3.75
N TRP A 702 -12.14 21.05 -4.04
CA TRP A 702 -12.60 19.77 -4.52
C TRP A 702 -12.32 19.59 -5.99
N ILE A 703 -12.31 20.69 -6.74
CA ILE A 703 -12.21 20.61 -8.19
C ILE A 703 -10.84 20.12 -8.58
N ASP A 704 -9.81 20.82 -8.12
CA ASP A 704 -8.46 20.42 -8.48
C ASP A 704 -8.10 19.07 -7.89
N ASN A 705 -8.73 18.70 -6.77
CA ASN A 705 -8.74 17.32 -6.32
C ASN A 705 -9.31 16.43 -7.39
N VAL A 706 -10.55 16.72 -7.82
CA VAL A 706 -11.16 15.83 -8.79
C VAL A 706 -10.56 16.06 -10.17
N GLU A 707 -9.88 17.19 -10.37
CA GLU A 707 -9.03 17.31 -11.56
C GLU A 707 -7.81 16.43 -11.43
N LYS A 708 -7.21 16.40 -10.24
CA LYS A 708 -6.08 15.51 -10.01
C LYS A 708 -6.53 14.06 -10.11
N MET A 709 -7.77 13.79 -9.70
CA MET A 709 -8.39 12.51 -9.98
C MET A 709 -8.49 12.26 -11.47
N THR A 710 -9.13 13.20 -12.17
CA THR A 710 -9.43 13.08 -13.59
C THR A 710 -8.19 12.86 -14.38
N GLY A 711 -7.21 13.71 -14.17
CA GLY A 711 -5.93 13.64 -14.84
C GLY A 711 -5.09 12.45 -14.44
N LEU A 712 -5.46 11.76 -13.37
CA LEU A 712 -4.74 10.55 -13.06
C LEU A 712 -5.52 9.33 -13.49
N VAL A 713 -6.85 9.38 -13.45
CA VAL A 713 -7.61 8.17 -13.73
C VAL A 713 -7.59 7.86 -15.21
N ASP A 714 -7.50 8.89 -16.05
CA ASP A 714 -7.28 8.61 -17.44
C ASP A 714 -5.85 8.21 -17.71
N GLU A 715 -4.93 8.66 -16.86
CA GLU A 715 -3.60 8.10 -16.87
C GLU A 715 -3.63 6.70 -16.27
N ALA A 716 -4.60 6.44 -15.39
CA ALA A 716 -4.71 5.08 -14.85
C ALA A 716 -5.26 4.11 -15.88
N ILE A 717 -5.94 4.61 -16.89
CA ILE A 717 -6.39 3.76 -17.98
C ILE A 717 -5.51 4.05 -19.18
N ASP A 718 -5.71 3.28 -20.24
CA ASP A 718 -4.94 3.52 -21.44
C ASP A 718 -5.66 4.52 -22.34
N THR A 719 -4.91 5.08 -23.30
CA THR A 719 -5.48 6.01 -24.26
C THR A 719 -6.18 5.30 -25.41
N LYS A 720 -5.81 4.04 -25.67
CA LYS A 720 -6.57 3.25 -26.63
C LYS A 720 -7.97 2.99 -26.10
N SER A 721 -8.09 2.86 -24.78
CA SER A 721 -9.38 2.59 -24.15
C SER A 721 -10.30 3.80 -24.29
N LEU A 722 -9.82 4.96 -23.87
CA LEU A 722 -10.73 6.07 -23.62
C LEU A 722 -11.19 6.72 -24.91
N LEU A 723 -10.32 6.78 -25.93
CA LEU A 723 -10.68 7.44 -27.18
C LEU A 723 -11.79 6.71 -27.91
N ASP A 724 -11.67 5.39 -28.01
CA ASP A 724 -12.74 4.59 -28.59
C ASP A 724 -13.99 4.70 -27.74
N ALA A 725 -13.82 4.79 -26.43
CA ALA A 725 -14.95 4.98 -25.54
C ALA A 725 -15.53 6.37 -25.70
N SER A 726 -14.69 7.36 -25.93
CA SER A 726 -15.18 8.70 -26.18
C SER A 726 -15.94 8.75 -27.49
N GLU A 727 -15.37 8.13 -28.52
CA GLU A 727 -15.94 8.14 -29.86
C GLU A 727 -17.31 7.49 -29.88
N GLU A 728 -17.46 6.35 -29.20
CA GLU A 728 -18.74 5.68 -29.21
C GLU A 728 -19.75 6.39 -28.33
N ALA A 729 -19.27 7.07 -27.28
CA ALA A 729 -20.18 7.85 -26.44
C ALA A 729 -20.71 9.05 -27.21
N ILE A 730 -19.85 9.71 -27.97
CA ILE A 730 -20.24 10.96 -28.59
C ILE A 730 -21.13 10.70 -29.80
N LYS A 731 -20.93 9.58 -30.49
CA LYS A 731 -21.80 9.29 -31.62
C LYS A 731 -23.17 8.83 -31.13
N LYS A 732 -23.22 8.19 -29.97
CA LYS A 732 -24.49 7.76 -29.42
C LYS A 732 -25.29 8.95 -28.94
N ASP A 733 -24.62 9.87 -28.24
CA ASP A 733 -25.31 11.03 -27.70
C ASP A 733 -25.74 11.97 -28.81
N LEU A 734 -24.99 12.02 -29.90
CA LEU A 734 -25.40 12.80 -31.05
C LEU A 734 -26.63 12.20 -31.70
N ASP A 735 -26.72 10.88 -31.71
CA ASP A 735 -27.94 10.23 -32.18
C ASP A 735 -29.08 10.46 -31.20
N LYS A 736 -28.77 10.44 -29.89
CA LYS A 736 -29.75 10.85 -28.88
C LYS A 736 -30.13 12.30 -29.07
N CYS A 737 -29.15 13.12 -29.46
CA CYS A 737 -29.47 14.47 -29.87
C CYS A 737 -30.21 14.49 -31.20
N LYS A 738 -29.97 13.50 -32.06
CA LYS A 738 -30.68 13.48 -33.33
C LYS A 738 -32.13 13.09 -33.14
N VAL A 739 -32.39 12.08 -32.31
CA VAL A 739 -33.77 11.68 -32.10
C VAL A 739 -34.48 12.65 -31.17
N ALA A 740 -33.74 13.50 -30.46
CA ALA A 740 -34.35 14.65 -29.81
C ALA A 740 -34.82 15.67 -30.84
N MET A 741 -34.25 15.63 -32.05
CA MET A 741 -34.73 16.46 -33.14
C MET A 741 -35.66 15.70 -34.07
N ALA A 742 -35.80 14.38 -33.88
CA ALA A 742 -36.89 13.67 -34.54
C ALA A 742 -38.23 14.14 -33.99
N ASN A 743 -38.34 14.22 -32.67
CA ASN A 743 -39.47 14.85 -32.02
C ASN A 743 -39.11 16.29 -31.68
N ILE A 744 -39.96 16.95 -30.92
CA ILE A 744 -39.74 18.34 -30.53
C ILE A 744 -39.08 18.35 -29.15
N GLN A 745 -37.76 18.29 -29.14
CA GLN A 745 -36.98 18.40 -27.90
C GLN A 745 -35.86 19.41 -28.09
N PRO A 746 -36.11 20.69 -27.86
CA PRO A 746 -35.04 21.67 -27.90
C PRO A 746 -34.14 21.65 -26.68
N GLN A 747 -34.71 21.54 -25.47
CA GLN A 747 -33.91 21.71 -24.28
C GLN A 747 -33.08 20.47 -23.99
N MET A 748 -33.58 19.29 -24.36
CA MET A 748 -32.78 18.08 -24.23
C MET A 748 -31.67 18.06 -25.27
N LEU A 749 -31.90 18.73 -26.40
CA LEU A 749 -30.88 18.83 -27.44
C LEU A 749 -29.70 19.66 -26.99
N VAL A 750 -29.97 20.85 -26.45
CA VAL A 750 -28.89 21.77 -26.11
C VAL A 750 -28.16 21.30 -24.87
N ALA A 751 -28.83 20.56 -24.00
CA ALA A 751 -28.15 19.93 -22.88
C ALA A 751 -27.18 18.87 -23.38
N GLY A 752 -27.64 18.05 -24.33
CA GLY A 752 -26.76 17.10 -24.96
C GLY A 752 -25.69 17.77 -25.79
N ALA A 753 -26.01 18.95 -26.34
CA ALA A 753 -25.01 19.71 -27.07
C ALA A 753 -23.94 20.21 -26.13
N THR A 754 -24.33 20.70 -24.95
CA THR A 754 -23.34 21.08 -23.95
C THR A 754 -22.68 19.85 -23.35
N SER A 755 -23.35 18.71 -23.43
CA SER A 755 -22.73 17.47 -22.97
C SER A 755 -21.60 17.07 -23.90
N ILE A 756 -21.69 17.47 -25.17
CA ILE A 756 -20.54 17.31 -26.06
C ILE A 756 -19.41 18.21 -25.60
N ALA A 757 -19.76 19.44 -25.22
CA ALA A 757 -18.77 20.47 -24.92
C ALA A 757 -17.98 20.11 -23.68
N ARG A 758 -18.66 19.60 -22.65
CA ARG A 758 -17.95 19.18 -21.46
C ARG A 758 -17.12 17.94 -21.72
N ARG A 759 -17.51 17.16 -22.73
CA ARG A 759 -16.69 16.02 -23.09
C ARG A 759 -15.61 16.41 -24.08
N ALA A 760 -15.88 17.39 -24.94
CA ALA A 760 -14.86 17.82 -25.89
C ALA A 760 -13.69 18.48 -25.19
N ASN A 761 -13.99 19.26 -24.14
CA ASN A 761 -12.92 19.89 -23.37
C ASN A 761 -12.12 18.85 -22.61
N ARG A 762 -12.77 17.75 -22.24
CA ARG A 762 -12.07 16.63 -21.67
C ARG A 762 -11.10 16.03 -22.67
N ILE A 763 -11.49 15.96 -23.95
CA ILE A 763 -10.63 15.40 -24.98
C ILE A 763 -9.40 16.28 -25.16
N LEU A 764 -9.60 17.59 -25.16
CA LEU A 764 -8.48 18.51 -25.30
C LEU A 764 -7.60 18.48 -24.05
N LEU A 765 -8.22 18.19 -22.90
CA LEU A 765 -7.46 18.06 -21.65
C LEU A 765 -6.51 16.88 -21.72
N VAL A 766 -6.95 15.79 -22.32
CA VAL A 766 -6.09 14.61 -22.46
C VAL A 766 -4.96 14.89 -23.44
N ALA A 767 -5.23 15.73 -24.44
CA ALA A 767 -4.21 16.06 -25.42
C ALA A 767 -3.11 16.92 -24.82
N LYS A 768 -3.43 17.62 -23.73
CA LYS A 768 -2.35 18.31 -23.00
C LYS A 768 -1.49 17.30 -22.27
N ARG A 769 -2.11 16.28 -21.65
CA ARG A 769 -1.38 15.42 -20.74
C ARG A 769 -0.41 14.51 -21.48
N GLU A 770 -0.68 14.24 -22.76
CA GLU A 770 0.28 13.50 -23.58
C GLU A 770 1.53 14.32 -23.82
N VAL A 771 1.34 15.59 -24.18
CA VAL A 771 2.44 16.45 -24.63
C VAL A 771 3.40 16.73 -23.49
N GLU A 772 2.86 17.06 -22.32
CA GLU A 772 3.70 17.32 -21.16
C GLU A 772 4.34 16.06 -20.62
N ASN A 773 3.84 14.89 -21.01
CA ASN A 773 4.45 13.65 -20.58
C ASN A 773 5.36 13.05 -21.64
N SER A 774 5.03 13.23 -22.92
CA SER A 774 5.97 12.93 -23.97
C SER A 774 7.19 13.81 -23.81
N GLU A 775 8.38 13.25 -24.03
CA GLU A 775 9.58 14.05 -23.88
C GLU A 775 9.78 14.93 -25.10
N ASP A 776 9.57 14.39 -26.29
CA ASP A 776 9.97 15.05 -27.53
C ASP A 776 8.75 15.37 -28.38
N PRO A 777 8.83 16.45 -29.18
CA PRO A 777 7.79 16.73 -30.18
C PRO A 777 7.93 15.88 -31.44
N LYS A 778 7.89 14.56 -31.28
CA LYS A 778 7.93 13.68 -32.43
C LYS A 778 6.66 13.83 -33.26
N PHE A 779 5.51 13.70 -32.61
CA PHE A 779 4.26 14.09 -33.21
C PHE A 779 3.33 14.78 -32.22
N ARG A 780 3.78 15.06 -30.99
CA ARG A 780 2.90 15.64 -29.98
C ARG A 780 2.55 17.08 -30.28
N GLU A 781 3.29 17.71 -31.21
CA GLU A 781 2.82 18.94 -31.83
C GLU A 781 1.46 18.77 -32.48
N ALA A 782 1.23 17.62 -33.11
CA ALA A 782 -0.08 17.38 -33.72
C ALA A 782 -1.10 17.05 -32.66
N VAL A 783 -0.65 16.53 -31.50
CA VAL A 783 -1.55 16.29 -30.37
C VAL A 783 -2.07 17.61 -29.83
N LYS A 784 -1.23 18.63 -29.84
CA LYS A 784 -1.74 19.98 -29.65
C LYS A 784 -2.60 20.41 -30.81
N ALA A 785 -2.11 20.19 -32.04
CA ALA A 785 -2.70 20.81 -33.23
C ALA A 785 -4.07 20.23 -33.54
N ALA A 786 -4.25 18.94 -33.32
CA ALA A 786 -5.59 18.39 -33.48
C ALA A 786 -6.50 18.85 -32.35
N SER A 787 -5.94 19.04 -31.15
CA SER A 787 -6.72 19.67 -30.10
C SER A 787 -6.91 21.14 -30.37
N ASP A 788 -5.98 21.73 -31.15
CA ASP A 788 -6.20 23.09 -31.60
C ASP A 788 -7.39 23.15 -32.55
N GLU A 789 -7.61 22.09 -33.32
CA GLU A 789 -8.81 22.01 -34.14
C GLU A 789 -10.05 21.90 -33.28
N LEU A 790 -9.92 21.23 -32.13
CA LEU A 790 -11.03 21.11 -31.20
C LEU A 790 -11.40 22.47 -30.64
N SER A 791 -10.40 23.25 -30.27
CA SER A 791 -10.61 24.59 -29.76
C SER A 791 -11.20 25.50 -30.83
N LYS A 792 -10.94 25.21 -32.10
CA LYS A 792 -11.68 25.88 -33.16
C LYS A 792 -13.12 25.42 -33.16
N THR A 793 -13.34 24.11 -33.29
CA THR A 793 -14.68 23.62 -33.59
C THR A 793 -15.59 23.56 -32.37
N ILE A 794 -15.08 23.85 -31.17
CA ILE A 794 -15.95 23.85 -30.00
C ILE A 794 -16.92 25.02 -30.05
N SER A 795 -16.50 26.13 -30.64
CA SER A 795 -17.36 27.29 -30.71
C SER A 795 -18.50 27.21 -31.73
N PRO A 796 -18.37 26.58 -32.91
CA PRO A 796 -19.59 26.38 -33.71
C PRO A 796 -20.57 25.39 -33.14
N MET A 797 -20.25 24.71 -32.05
CA MET A 797 -21.23 23.83 -31.46
C MET A 797 -22.31 24.63 -30.77
N VAL A 798 -21.93 25.38 -29.74
CA VAL A 798 -22.89 26.04 -28.88
C VAL A 798 -23.57 27.18 -29.62
N MET A 799 -22.86 27.82 -30.55
CA MET A 799 -23.44 28.87 -31.37
C MET A 799 -24.53 28.33 -32.28
N ASP A 800 -24.26 27.20 -32.92
CA ASP A 800 -25.29 26.55 -33.71
C ASP A 800 -26.35 25.93 -32.82
N ALA A 801 -25.96 25.51 -31.60
CA ALA A 801 -26.92 24.93 -30.67
C ALA A 801 -27.98 25.94 -30.30
N LYS A 802 -27.57 27.19 -30.09
CA LYS A 802 -28.55 28.26 -29.93
C LYS A 802 -29.27 28.52 -31.25
N ALA A 803 -28.55 28.40 -32.37
CA ALA A 803 -29.15 28.73 -33.66
C ALA A 803 -30.11 27.65 -34.12
N VAL A 804 -29.91 26.41 -33.68
CA VAL A 804 -30.89 25.37 -33.94
C VAL A 804 -31.96 25.34 -32.85
N ALA A 805 -31.77 26.06 -31.75
CA ALA A 805 -32.73 26.05 -30.66
C ALA A 805 -33.99 26.85 -30.99
N GLY A 806 -34.01 27.57 -32.11
CA GLY A 806 -35.22 28.28 -32.50
C GLY A 806 -36.33 27.34 -32.90
N ASN A 807 -36.03 26.39 -33.79
CA ASN A 807 -37.03 25.44 -34.27
C ASN A 807 -36.38 24.08 -34.43
N ILE A 808 -37.13 23.04 -34.07
CA ILE A 808 -36.72 21.68 -34.40
C ILE A 808 -36.73 21.50 -35.92
N SER A 809 -37.69 22.11 -36.59
CA SER A 809 -37.71 22.16 -38.04
C SER A 809 -37.11 23.46 -38.58
N ASP A 810 -36.10 24.02 -37.90
CA ASP A 810 -35.24 25.05 -38.45
C ASP A 810 -34.67 24.55 -39.77
N PRO A 811 -34.96 25.23 -40.88
CA PRO A 811 -34.49 24.74 -42.17
C PRO A 811 -32.98 24.86 -42.30
N GLY A 812 -32.32 23.71 -42.41
CA GLY A 812 -30.90 23.67 -42.69
C GLY A 812 -30.00 23.74 -41.48
N LEU A 813 -30.57 24.11 -40.33
CA LEU A 813 -29.77 24.19 -39.11
C LEU A 813 -29.31 22.81 -38.66
N GLN A 814 -30.22 21.83 -38.72
CA GLN A 814 -29.87 20.49 -38.29
C GLN A 814 -28.93 19.83 -39.29
N LYS A 815 -29.01 20.25 -40.56
CA LYS A 815 -27.99 19.89 -41.54
C LYS A 815 -26.63 20.38 -41.09
N SER A 816 -26.56 21.63 -40.67
CA SER A 816 -25.32 22.14 -40.09
C SER A 816 -25.04 21.55 -38.73
N PHE A 817 -26.09 21.19 -37.98
CA PHE A 817 -25.90 20.76 -36.60
C PHE A 817 -25.33 19.35 -36.55
N LEU A 818 -25.83 18.46 -37.39
CA LEU A 818 -25.19 17.16 -37.54
C LEU A 818 -23.78 17.32 -38.09
N ASP A 819 -23.60 18.29 -39.00
CA ASP A 819 -22.26 18.61 -39.47
C ASP A 819 -21.41 19.20 -38.37
N SER A 820 -22.03 19.98 -37.47
CA SER A 820 -21.31 20.44 -36.30
C SER A 820 -20.85 19.27 -35.46
N GLY A 821 -21.72 18.27 -35.31
CA GLY A 821 -21.28 17.00 -34.74
C GLY A 821 -20.27 16.30 -35.61
N TYR A 822 -20.45 16.39 -36.93
CA TYR A 822 -19.52 15.71 -37.85
C TYR A 822 -18.17 16.40 -37.87
N ARG A 823 -18.12 17.69 -37.52
CA ARG A 823 -16.83 18.32 -37.32
C ARG A 823 -16.07 17.70 -36.16
N ILE A 824 -16.80 17.24 -35.14
CA ILE A 824 -16.15 16.67 -33.97
C ILE A 824 -15.58 15.31 -34.31
N LEU A 825 -16.31 14.55 -35.12
CA LEU A 825 -16.02 13.14 -35.30
C LEU A 825 -14.76 12.92 -36.10
N GLY A 826 -14.52 13.76 -37.11
CA GLY A 826 -13.25 13.68 -37.81
C GLY A 826 -12.09 14.16 -36.95
N ALA A 827 -12.37 15.11 -36.06
CA ALA A 827 -11.32 15.65 -35.21
C ALA A 827 -10.89 14.63 -34.16
N VAL A 828 -11.86 13.97 -33.52
CA VAL A 828 -11.54 12.94 -32.55
C VAL A 828 -10.92 11.73 -33.26
N ALA A 829 -11.27 11.52 -34.53
CA ALA A 829 -10.62 10.49 -35.32
C ALA A 829 -9.15 10.81 -35.56
N LYS A 830 -8.79 12.09 -35.57
CA LYS A 830 -7.40 12.45 -35.73
C LYS A 830 -6.61 12.14 -34.46
N VAL A 831 -7.30 12.08 -33.32
CA VAL A 831 -6.63 11.76 -32.06
C VAL A 831 -6.21 10.30 -32.06
N ARG A 832 -6.91 9.47 -32.85
CA ARG A 832 -6.53 8.07 -32.96
C ARG A 832 -5.22 7.92 -33.70
N GLU A 833 -4.94 8.84 -34.64
CA GLU A 833 -3.68 8.83 -35.37
C GLU A 833 -2.48 9.09 -34.48
N ALA A 834 -2.70 9.66 -33.29
CA ALA A 834 -1.62 9.97 -32.37
C ALA A 834 -1.04 8.70 -31.74
N PHE A 835 -1.86 7.98 -31.01
CA PHE A 835 -1.34 7.04 -30.04
C PHE A 835 -1.01 5.68 -30.63
N GLN A 836 -1.13 5.54 -31.93
CA GLN A 836 -0.65 4.36 -32.62
C GLN A 836 0.87 4.29 -32.55
N PRO A 837 1.44 3.08 -32.51
CA PRO A 837 2.90 2.97 -32.47
C PRO A 837 3.54 3.27 -33.80
N GLN A 838 2.83 3.02 -34.90
CA GLN A 838 3.39 3.25 -36.22
C GLN A 838 3.36 4.73 -36.55
N GLU A 839 4.53 5.29 -36.80
CA GLU A 839 4.68 6.68 -37.15
C GLU A 839 4.29 6.94 -38.61
N PRO A 961 20.68 -26.70 4.78
CA PRO A 961 19.46 -26.45 4.02
C PRO A 961 18.23 -26.21 4.90
N VAL A 962 18.45 -25.91 6.19
CA VAL A 962 17.36 -25.87 7.17
C VAL A 962 16.45 -24.67 6.95
N ASN A 963 16.90 -23.66 6.20
CA ASN A 963 15.96 -22.68 5.67
C ASN A 963 15.75 -22.91 4.18
N GLN A 964 14.49 -23.02 3.78
CA GLN A 964 14.15 -22.74 2.39
C GLN A 964 13.02 -21.72 2.17
N PRO A 965 12.94 -20.53 2.88
CA PRO A 965 11.98 -19.54 2.36
C PRO A 965 12.65 -18.65 1.34
N ILE A 966 13.98 -18.61 1.39
CA ILE A 966 14.72 -17.90 0.36
C ILE A 966 14.70 -18.72 -0.93
N LEU A 967 14.43 -20.03 -0.82
CA LEU A 967 14.10 -20.83 -1.99
C LEU A 967 12.89 -20.27 -2.71
N ALA A 968 11.88 -19.83 -1.96
CA ALA A 968 10.71 -19.22 -2.57
C ALA A 968 11.08 -17.89 -3.23
N ALA A 969 12.02 -17.16 -2.64
CA ALA A 969 12.60 -16.01 -3.32
C ALA A 969 13.37 -16.46 -4.54
N ALA A 970 14.10 -17.58 -4.40
CA ALA A 970 14.90 -18.07 -5.51
C ALA A 970 14.02 -18.65 -6.60
N GLN A 971 13.01 -19.44 -6.22
CA GLN A 971 12.16 -20.04 -7.23
C GLN A 971 11.18 -19.05 -7.85
N SER A 972 11.11 -17.83 -7.30
CA SER A 972 10.37 -16.77 -7.96
C SER A 972 11.02 -16.41 -9.30
N LEU A 973 12.22 -15.83 -9.25
CA LEU A 973 12.88 -15.40 -10.47
C LEU A 973 13.43 -16.57 -11.27
N HIS A 974 13.48 -17.76 -10.67
CA HIS A 974 13.67 -18.98 -11.44
C HIS A 974 12.56 -19.19 -12.45
N ARG A 975 11.36 -18.69 -12.15
CA ARG A 975 10.25 -18.82 -13.08
C ARG A 975 10.04 -17.56 -13.91
N GLU A 976 10.57 -16.40 -13.47
CA GLU A 976 10.57 -15.26 -14.38
C GLU A 976 11.75 -15.26 -15.34
N ALA A 977 12.43 -16.40 -15.51
CA ALA A 977 13.38 -16.54 -16.61
C ALA A 977 12.68 -16.76 -17.93
N THR A 978 11.38 -17.08 -17.90
CA THR A 978 10.64 -17.55 -19.07
C THR A 978 9.82 -16.44 -19.72
N LYS A 979 10.34 -15.21 -19.75
CA LYS A 979 9.51 -14.08 -20.16
C LYS A 979 10.27 -13.16 -21.12
N TRP A 980 9.46 -12.35 -21.81
CA TRP A 980 9.73 -11.29 -22.78
C TRP A 980 10.17 -11.76 -24.15
N SER A 981 10.57 -13.04 -24.26
CA SER A 981 11.15 -13.64 -25.45
C SER A 981 11.44 -15.10 -25.17
N SER A 982 12.01 -15.79 -26.16
CA SER A 982 12.70 -17.03 -25.88
C SER A 982 14.01 -17.12 -26.67
N LYS A 983 14.60 -15.98 -27.05
CA LYS A 983 15.74 -15.99 -27.97
C LYS A 983 16.99 -15.35 -27.39
N GLY A 984 16.90 -14.16 -26.78
CA GLY A 984 18.10 -13.44 -26.39
C GLY A 984 18.14 -12.90 -24.96
N ASN A 985 19.21 -12.18 -24.61
CA ASN A 985 19.37 -11.63 -23.27
C ASN A 985 20.06 -10.28 -23.36
N ASP A 986 19.54 -9.30 -22.61
CA ASP A 986 20.15 -7.99 -22.52
C ASP A 986 20.60 -7.68 -21.09
N ILE A 987 19.67 -7.74 -20.14
CA ILE A 987 19.96 -7.47 -18.73
C ILE A 987 19.80 -8.71 -17.88
N ILE A 988 18.93 -9.62 -18.31
CA ILE A 988 18.46 -10.85 -17.69
C ILE A 988 19.59 -11.69 -17.10
N ALA A 989 20.71 -11.74 -17.81
CA ALA A 989 21.83 -12.61 -17.43
C ALA A 989 22.42 -12.20 -16.10
N ALA A 990 22.36 -10.92 -15.77
CA ALA A 990 22.72 -10.48 -14.43
C ALA A 990 21.70 -10.94 -13.41
N ALA A 991 20.41 -10.89 -13.77
CA ALA A 991 19.38 -11.26 -12.82
C ALA A 991 19.36 -12.76 -12.57
N LYS A 992 19.69 -13.55 -13.59
CA LYS A 992 19.70 -14.97 -13.36
C LYS A 992 20.96 -15.42 -12.64
N ARG A 993 22.10 -14.75 -12.89
CA ARG A 993 23.30 -15.09 -12.14
C ARG A 993 23.18 -14.56 -10.73
N MET A 994 22.34 -13.55 -10.53
CA MET A 994 21.88 -13.23 -9.19
C MET A 994 21.06 -14.37 -8.62
N ALA A 995 20.14 -14.91 -9.43
CA ALA A 995 19.14 -15.83 -8.92
C ALA A 995 19.75 -17.16 -8.51
N LEU A 996 20.70 -17.66 -9.30
CA LEU A 996 21.36 -18.91 -8.94
C LEU A 996 22.26 -18.72 -7.73
N LEU A 997 22.87 -17.56 -7.58
CA LEU A 997 23.58 -17.28 -6.35
C LEU A 997 22.61 -17.04 -5.21
N MET A 998 21.46 -16.45 -5.52
CA MET A 998 20.38 -16.40 -4.54
C MET A 998 19.89 -17.80 -4.22
N ALA A 999 19.89 -18.68 -5.22
CA ALA A 999 19.58 -20.08 -4.97
C ALA A 999 20.69 -20.75 -4.17
N GLU A 1000 21.94 -20.36 -4.41
CA GLU A 1000 23.04 -21.02 -3.75
C GLU A 1000 23.10 -20.67 -2.27
N MET A 1001 22.81 -19.41 -1.95
CA MET A 1001 22.88 -18.99 -0.55
C MET A 1001 21.73 -19.56 0.25
N SER A 1002 20.58 -19.75 -0.40
CA SER A 1002 19.37 -20.21 0.27
C SER A 1002 19.57 -21.60 0.85
N ARG A 1003 20.35 -22.41 0.14
CA ARG A 1003 20.98 -23.56 0.77
C ARG A 1003 21.86 -23.11 1.92
N LEU A 1004 22.84 -22.27 1.61
CA LEU A 1004 24.03 -22.12 2.43
C LEU A 1004 23.78 -21.38 3.73
N VAL A 1005 22.68 -20.60 3.81
CA VAL A 1005 22.37 -19.81 5.01
C VAL A 1005 22.19 -20.70 6.22
N ARG A 1006 21.39 -21.73 6.09
CA ARG A 1006 21.40 -22.81 7.09
C ARG A 1006 22.15 -24.02 6.57
N GLY A 1007 23.06 -23.83 5.62
CA GLY A 1007 23.75 -24.94 4.98
C GLY A 1007 24.92 -25.49 5.76
N GLY A 1008 25.96 -25.90 5.04
CA GLY A 1008 27.12 -26.49 5.68
C GLY A 1008 27.89 -25.48 6.50
N SER A 1009 28.57 -25.98 7.53
CA SER A 1009 29.20 -25.14 8.53
C SER A 1009 30.63 -24.77 8.19
N GLY A 1010 31.01 -24.77 6.92
CA GLY A 1010 32.39 -24.55 6.57
C GLY A 1010 32.67 -23.75 5.31
N THR A 1011 31.64 -23.14 4.73
CA THR A 1011 31.83 -22.37 3.51
C THR A 1011 31.12 -21.02 3.65
N LYS A 1012 31.39 -20.35 4.76
CA LYS A 1012 30.87 -19.01 4.97
C LYS A 1012 31.63 -17.95 4.19
N ARG A 1013 32.69 -18.34 3.46
CA ARG A 1013 33.40 -17.37 2.66
C ARG A 1013 32.59 -16.98 1.42
N ALA A 1014 31.94 -17.96 0.79
CA ALA A 1014 31.16 -17.69 -0.40
C ALA A 1014 29.84 -17.03 -0.04
N LEU A 1015 29.44 -17.17 1.23
CA LEU A 1015 28.34 -16.39 1.79
C LEU A 1015 28.56 -14.90 1.58
N ILE A 1016 29.79 -14.45 1.81
CA ILE A 1016 30.11 -13.06 1.53
C ILE A 1016 30.58 -12.88 0.09
N GLN A 1017 31.34 -13.84 -0.44
CA GLN A 1017 31.97 -13.69 -1.75
C GLN A 1017 30.95 -13.61 -2.87
N CYS A 1018 29.81 -14.27 -2.70
CA CYS A 1018 28.69 -14.07 -3.60
C CYS A 1018 27.85 -12.86 -3.22
N ALA A 1019 27.81 -12.48 -1.94
CA ALA A 1019 27.09 -11.28 -1.54
C ALA A 1019 27.77 -10.04 -2.09
N LYS A 1020 29.07 -10.13 -2.34
CA LYS A 1020 29.78 -9.14 -3.15
C LYS A 1020 29.09 -8.96 -4.49
N ASP A 1021 28.76 -10.07 -5.16
CA ASP A 1021 28.07 -9.99 -6.44
C ASP A 1021 26.65 -9.52 -6.26
N ILE A 1022 26.02 -9.87 -5.13
CA ILE A 1022 24.64 -9.44 -4.87
C ILE A 1022 24.61 -7.95 -4.56
N ALA A 1023 25.72 -7.42 -4.07
CA ALA A 1023 25.90 -5.98 -4.18
C ALA A 1023 26.10 -5.59 -5.63
N LYS A 1024 27.01 -6.29 -6.33
CA LYS A 1024 27.52 -5.87 -7.63
C LYS A 1024 26.47 -6.00 -8.73
N ALA A 1025 25.94 -7.21 -8.90
CA ALA A 1025 25.03 -7.48 -10.01
C ALA A 1025 23.69 -6.78 -9.81
N SER A 1026 23.39 -6.37 -8.58
CA SER A 1026 22.22 -5.52 -8.36
C SER A 1026 22.43 -4.17 -9.04
N ASP A 1027 23.50 -3.48 -8.65
CA ASP A 1027 23.63 -2.09 -9.05
C ASP A 1027 24.22 -1.94 -10.44
N GLU A 1028 24.71 -3.03 -11.01
CA GLU A 1028 24.93 -3.08 -12.45
C GLU A 1028 23.62 -2.84 -13.19
N VAL A 1029 22.53 -3.44 -12.71
CA VAL A 1029 21.24 -3.23 -13.33
C VAL A 1029 20.77 -1.80 -13.10
N THR A 1030 21.17 -1.20 -11.97
CA THR A 1030 20.86 0.21 -11.74
C THR A 1030 21.58 1.09 -12.74
N ARG A 1031 22.81 0.73 -13.11
CA ARG A 1031 23.48 1.36 -14.24
C ARG A 1031 22.71 1.11 -15.53
N LEU A 1032 22.24 -0.12 -15.71
CA LEU A 1032 21.39 -0.44 -16.87
C LEU A 1032 20.05 0.25 -16.76
N ALA A 1033 19.60 0.54 -15.53
CA ALA A 1033 18.32 1.22 -15.36
C ALA A 1033 18.40 2.65 -15.84
N LYS A 1034 19.44 3.37 -15.43
CA LYS A 1034 19.49 4.80 -15.70
C LYS A 1034 19.76 5.09 -17.16
N GLU A 1035 20.36 4.13 -17.87
CA GLU A 1035 20.68 4.41 -19.26
C GLU A 1035 19.44 4.32 -20.15
N VAL A 1036 18.58 3.32 -19.93
CA VAL A 1036 17.33 3.31 -20.68
C VAL A 1036 16.39 4.37 -20.15
N ALA A 1037 16.58 4.79 -18.91
CA ALA A 1037 15.86 5.97 -18.41
C ALA A 1037 16.25 7.20 -19.19
N LYS A 1038 17.55 7.36 -19.48
CA LYS A 1038 17.92 8.48 -20.34
C LYS A 1038 17.75 8.14 -21.82
N GLN A 1039 17.54 6.87 -22.16
CA GLN A 1039 17.19 6.56 -23.54
C GLN A 1039 15.72 6.80 -23.83
N CYS A 1040 14.84 6.71 -22.83
CA CYS A 1040 13.42 6.71 -23.13
C CYS A 1040 12.93 8.12 -23.45
N THR A 1041 11.76 8.18 -24.08
CA THR A 1041 11.17 9.43 -24.54
C THR A 1041 9.90 9.77 -23.76
N ASP A 1042 9.81 9.29 -22.52
CA ASP A 1042 8.68 9.62 -21.67
C ASP A 1042 9.18 9.83 -20.26
N LYS A 1043 8.75 10.92 -19.65
CA LYS A 1043 9.26 11.24 -18.32
C LYS A 1043 8.55 10.42 -17.24
N ARG A 1044 7.34 9.95 -17.49
CA ARG A 1044 6.61 9.25 -16.44
C ARG A 1044 7.14 7.84 -16.25
N ILE A 1045 7.45 7.16 -17.35
CA ILE A 1045 8.08 5.85 -17.24
C ILE A 1045 9.49 6.00 -16.70
N ARG A 1046 10.11 7.15 -16.93
CA ARG A 1046 11.40 7.42 -16.32
C ARG A 1046 11.22 7.72 -14.84
N THR A 1047 10.15 8.45 -14.50
CA THR A 1047 9.87 8.71 -13.09
C THR A 1047 9.44 7.44 -12.39
N ASN A 1048 8.76 6.54 -13.12
CA ASN A 1048 8.42 5.26 -12.53
C ASN A 1048 9.64 4.34 -12.45
N LEU A 1049 10.60 4.53 -13.35
CA LEU A 1049 11.81 3.71 -13.30
C LEU A 1049 12.68 4.11 -12.12
N LEU A 1050 12.75 5.39 -11.81
CA LEU A 1050 13.66 5.83 -10.77
C LEU A 1050 13.14 5.46 -9.39
N GLN A 1051 11.82 5.45 -9.22
CA GLN A 1051 11.24 5.09 -7.94
C GLN A 1051 11.44 3.62 -7.65
N VAL A 1052 11.55 2.80 -8.68
CA VAL A 1052 11.80 1.39 -8.43
C VAL A 1052 13.31 1.10 -8.41
N CYS A 1053 14.09 1.78 -9.24
CA CYS A 1053 15.51 1.42 -9.27
C CYS A 1053 16.31 2.06 -8.15
N GLU A 1054 15.69 2.91 -7.33
CA GLU A 1054 16.40 3.53 -6.21
C GLU A 1054 16.78 2.51 -5.17
N ARG A 1055 15.91 1.52 -4.96
CA ARG A 1055 16.12 0.57 -3.89
C ARG A 1055 17.20 -0.44 -4.22
N ILE A 1056 17.56 -0.57 -5.50
CA ILE A 1056 18.50 -1.62 -5.90
C ILE A 1056 19.88 -1.46 -5.26
N PRO A 1057 20.47 -0.24 -5.15
CA PRO A 1057 21.67 -0.13 -4.32
C PRO A 1057 21.41 -0.06 -2.84
N THR A 1058 20.20 0.37 -2.45
CA THR A 1058 19.80 0.37 -1.06
C THR A 1058 19.86 -1.03 -0.50
N ILE A 1059 19.24 -1.99 -1.20
CA ILE A 1059 19.33 -3.38 -0.82
C ILE A 1059 20.73 -3.97 -1.01
N SER A 1060 21.45 -3.58 -2.06
CA SER A 1060 22.58 -4.37 -2.59
C SER A 1060 23.69 -4.56 -1.57
N THR A 1061 24.09 -3.49 -0.90
CA THR A 1061 25.17 -3.59 0.06
C THR A 1061 24.73 -4.23 1.37
N GLN A 1062 23.42 -4.30 1.61
CA GLN A 1062 22.93 -4.88 2.86
C GLN A 1062 23.18 -6.37 2.88
N LEU A 1063 23.13 -7.01 1.71
CA LEU A 1063 23.28 -8.45 1.69
C LEU A 1063 24.74 -8.83 1.86
N LYS A 1064 25.65 -7.90 1.53
CA LYS A 1064 27.02 -8.04 2.00
C LYS A 1064 27.05 -8.05 3.51
N ILE A 1065 26.35 -7.10 4.13
CA ILE A 1065 26.42 -6.91 5.58
C ILE A 1065 25.80 -8.09 6.31
N LEU A 1066 24.65 -8.56 5.84
CA LEU A 1066 24.00 -9.65 6.55
C LEU A 1066 24.73 -10.97 6.35
N SER A 1067 25.46 -11.11 5.24
CA SER A 1067 26.23 -12.33 5.03
C SER A 1067 27.36 -12.46 6.02
N THR A 1068 27.94 -11.33 6.42
CA THR A 1068 28.99 -11.33 7.42
C THR A 1068 28.45 -11.77 8.77
N VAL A 1069 27.30 -11.22 9.15
CA VAL A 1069 26.66 -11.59 10.41
C VAL A 1069 26.32 -13.06 10.41
N LYS A 1070 25.89 -13.58 9.26
CA LYS A 1070 25.55 -14.99 9.13
C LYS A 1070 26.80 -15.86 9.15
N ALA A 1071 27.92 -15.33 8.65
CA ALA A 1071 29.18 -16.07 8.78
C ALA A 1071 29.58 -16.20 10.23
N THR A 1072 29.30 -15.18 11.03
CA THR A 1072 29.53 -15.27 12.47
C THR A 1072 28.50 -16.19 13.12
N MET A 1073 27.30 -16.25 12.55
CA MET A 1073 26.34 -17.24 13.02
C MET A 1073 26.78 -18.63 12.62
N LEU A 1074 27.42 -18.77 11.47
CA LEU A 1074 27.79 -20.08 10.98
C LEU A 1074 29.03 -20.59 11.71
N GLY A 1075 28.99 -21.86 12.08
CA GLY A 1075 30.10 -22.47 12.79
C GLY A 1075 30.29 -21.96 14.19
N ARG A 1076 29.26 -21.35 14.78
CA ARG A 1076 29.44 -20.67 16.05
C ARG A 1076 29.39 -21.64 17.21
N THR A 1077 28.42 -22.56 17.20
CA THR A 1077 28.23 -23.67 18.13
C THR A 1077 27.96 -23.25 19.57
N ASN A 1078 27.85 -21.95 19.86
CA ASN A 1078 27.28 -21.50 21.12
C ASN A 1078 26.36 -20.31 20.92
N ILE A 1079 25.89 -20.08 19.69
CA ILE A 1079 24.89 -19.07 19.43
C ILE A 1079 23.55 -19.52 19.99
N SER A 1080 22.82 -18.58 20.60
CA SER A 1080 21.39 -18.76 20.75
C SER A 1080 20.81 -18.73 19.34
N ASP A 1081 20.44 -19.91 18.83
CA ASP A 1081 20.30 -20.11 17.39
C ASP A 1081 19.09 -19.39 16.81
N GLU A 1082 18.18 -18.92 17.67
CA GLU A 1082 17.07 -18.10 17.20
C GLU A 1082 17.58 -16.75 16.68
N GLU A 1083 18.67 -16.24 17.25
CA GLU A 1083 19.27 -15.02 16.72
C GLU A 1083 19.86 -15.27 15.35
N SER A 1084 20.45 -16.45 15.14
CA SER A 1084 20.85 -16.83 13.81
C SER A 1084 19.63 -17.01 12.92
N GLU A 1085 18.54 -17.51 13.50
CA GLU A 1085 17.28 -17.58 12.78
C GLU A 1085 16.74 -16.19 12.49
N GLN A 1086 16.94 -15.25 13.41
CA GLN A 1086 16.64 -13.86 13.10
C GLN A 1086 17.55 -13.34 12.01
N ALA A 1087 18.83 -13.73 12.07
CA ALA A 1087 19.75 -13.40 11.00
C ALA A 1087 19.39 -14.14 9.72
N THR A 1088 18.84 -15.35 9.86
CA THR A 1088 18.31 -16.04 8.71
C THR A 1088 17.10 -15.31 8.16
N GLU A 1089 16.25 -14.81 9.07
CA GLU A 1089 15.02 -14.13 8.68
C GLU A 1089 15.32 -12.83 7.95
N MET A 1090 16.41 -12.16 8.32
CA MET A 1090 16.85 -11.01 7.55
C MET A 1090 17.29 -11.45 6.16
N LEU A 1091 18.00 -12.55 6.08
CA LEU A 1091 18.30 -13.12 4.77
C LEU A 1091 17.06 -13.70 4.12
N VAL A 1092 16.05 -14.04 4.93
CA VAL A 1092 14.81 -14.49 4.33
C VAL A 1092 14.09 -13.31 3.70
N HIS A 1093 13.67 -12.34 4.53
CA HIS A 1093 12.75 -11.30 4.07
C HIS A 1093 13.40 -10.40 3.04
N ASN A 1094 14.65 -10.06 3.25
CA ASN A 1094 15.24 -9.02 2.43
C ASN A 1094 15.74 -9.58 1.11
N ALA A 1095 16.08 -10.86 1.06
CA ALA A 1095 16.29 -11.46 -0.24
C ALA A 1095 14.97 -11.63 -0.97
N GLN A 1096 13.92 -11.95 -0.23
CA GLN A 1096 12.57 -11.92 -0.80
C GLN A 1096 12.21 -10.50 -1.23
N ASN A 1097 12.61 -9.51 -0.42
CA ASN A 1097 12.39 -8.13 -0.81
C ASN A 1097 13.28 -7.75 -1.97
N LEU A 1098 14.44 -8.40 -2.08
CA LEU A 1098 15.28 -8.21 -3.27
C LEU A 1098 14.63 -8.81 -4.50
N MET A 1099 14.33 -10.11 -4.45
CA MET A 1099 13.88 -10.86 -5.61
C MET A 1099 12.58 -10.30 -6.18
N GLN A 1100 11.71 -9.82 -5.30
CA GLN A 1100 10.50 -9.14 -5.73
C GLN A 1100 10.85 -7.83 -6.42
N SER A 1101 11.83 -7.11 -5.89
CA SER A 1101 12.12 -5.79 -6.41
C SER A 1101 12.83 -5.86 -7.75
N VAL A 1102 13.48 -6.99 -8.03
CA VAL A 1102 14.24 -7.12 -9.28
C VAL A 1102 13.28 -7.22 -10.46
N LYS A 1103 12.31 -8.13 -10.37
CA LYS A 1103 11.42 -8.39 -11.49
C LYS A 1103 10.51 -7.21 -11.78
N GLU A 1104 10.35 -6.31 -10.81
CA GLU A 1104 9.74 -5.01 -11.07
C GLU A 1104 10.52 -4.27 -12.13
N THR A 1105 11.84 -4.31 -12.02
CA THR A 1105 12.67 -3.64 -13.00
C THR A 1105 12.78 -4.45 -14.27
N VAL A 1106 12.79 -5.78 -14.15
CA VAL A 1106 12.84 -6.63 -15.34
C VAL A 1106 11.52 -6.52 -16.10
N ARG A 1107 10.44 -6.21 -15.39
CA ARG A 1107 9.23 -5.71 -16.04
C ARG A 1107 9.50 -4.41 -16.76
N GLU A 1108 10.01 -3.42 -16.04
CA GLU A 1108 10.25 -2.12 -16.66
C GLU A 1108 11.48 -2.12 -17.52
N ALA A 1109 12.21 -3.24 -17.59
CA ALA A 1109 13.20 -3.42 -18.64
C ALA A 1109 12.56 -3.35 -20.02
N GLU A 1110 11.33 -3.82 -20.14
CA GLU A 1110 10.63 -3.62 -21.40
C GLU A 1110 9.36 -2.83 -21.29
N ALA A 1111 8.77 -2.71 -20.10
CA ALA A 1111 7.52 -1.97 -19.95
C ALA A 1111 7.72 -0.49 -20.19
N ALA A 1112 8.92 0.01 -19.95
CA ALA A 1112 9.26 1.37 -20.35
C ALA A 1112 9.89 1.42 -21.74
N SER A 1113 10.68 0.41 -22.11
CA SER A 1113 11.55 0.53 -23.28
C SER A 1113 10.76 0.49 -24.58
N ILE A 1114 9.54 -0.04 -24.55
CA ILE A 1114 8.72 -0.07 -25.75
C ILE A 1114 8.16 1.28 -26.14
N LYS A 1115 8.22 2.26 -25.23
CA LYS A 1115 7.55 3.54 -25.43
C LYS A 1115 8.28 4.38 -26.47
N ILE A 1116 9.52 4.04 -26.76
CA ILE A 1116 10.27 4.68 -27.82
C ILE A 1116 9.73 4.22 -29.16
#